data_8QDO
#
_entry.id   8QDO
#
_cell.length_a   90.610
_cell.length_b   137.440
_cell.length_c   275.120
_cell.angle_alpha   90.000
_cell.angle_beta   90.000
_cell.angle_gamma   90.000
#
_symmetry.space_group_name_H-M   'I 21 21 21'
#
loop_
_entity.id
_entity.type
_entity.pdbx_description
1 polymer 'Protein pp71'
2 non-polymer 'TETRAETHYLENE GLYCOL'
3 water water
#
_entity_poly.entity_id   1
_entity_poly.type   'polypeptide(L)'
_entity_poly.pdbx_seq_one_letter_code
;GHMGSMSQASSSPGEGPSSEAAAISEAEAASGSFGRLHCQVLRLITNVEGGSLEAGRLRLLDLRTNIEVSRPSVLCCFQE
NKSPHDTVDLTDLNIKGRCVVGEQDRLLVDLNNFGPRRLTPGSENNTVSVLAFALPLDRVPVSGLHLFQSQRRGGEENRP
RMEARAIIRRTAHHWAVRLTVTPNWRRRTDSSLEAGQIFVSQFAFRAGAIPLTLVDALEQLACSDPNTYIHKTETDERGQ
WIMLFLHHDSPHPPTSVFLHFSVYTHRAEVVARHNPYPHLRRLPDNGFQLLIPKSFTLTRIHPEYIVQIQNAFETNQTHD
TIFFPENIPGVSIEAGPLPDRVRITLRVTLTGDQAVHLEHRQPLGRIHFFRRGFWTLTPGKPDKIKRPQVQLRAGLFPRS
NVMRGAVSEFLPQSPGLPPTEEEEEEEEEDDEDDLSSTPTPTPLSEAMFAGFEEASGDEDSDTQAGLSPALILTGQRRRS
GNNGALTLVIPSWHVFASLDDLVPLTVSVQHAALRPTSYLRSDMDGDVRTAADISSTLRSVPAPRPSPISTASTSSTPRS
RPRI
;
_entity_poly.pdbx_strand_id   A,B
#
# COMPACT_ATOMS: atom_id res chain seq x y z
N SER A 18 -38.84 2.50 18.48
CA SER A 18 -39.35 2.35 19.84
C SER A 18 -40.40 3.45 20.16
N SER A 19 -40.07 4.34 21.09
CA SER A 19 -40.94 5.45 21.46
C SER A 19 -40.73 6.63 20.51
N GLU A 20 -41.61 7.64 20.64
CA GLU A 20 -41.46 8.83 19.81
C GLU A 20 -40.15 9.56 20.10
N ALA A 21 -39.58 9.38 21.29
CA ALA A 21 -38.28 9.96 21.61
C ALA A 21 -37.16 9.25 20.86
N ALA A 22 -37.25 7.93 20.72
CA ALA A 22 -36.26 7.19 19.96
C ALA A 22 -36.28 7.58 18.47
N ALA A 23 -37.45 7.91 17.94
CA ALA A 23 -37.52 8.29 16.54
C ALA A 23 -36.77 9.59 16.27
N ILE A 24 -36.86 10.54 17.21
CA ILE A 24 -36.22 11.84 17.00
C ILE A 24 -34.71 11.72 17.14
N SER A 25 -34.23 10.97 18.13
CA SER A 25 -32.79 10.89 18.31
C SER A 25 -32.13 10.12 17.17
N GLU A 26 -32.77 9.06 16.68
CA GLU A 26 -32.22 8.34 15.52
C GLU A 26 -32.19 9.23 14.29
N ALA A 27 -33.25 10.02 14.06
CA ALA A 27 -33.25 10.90 12.91
C ALA A 27 -32.21 12.00 13.04
N GLU A 28 -32.00 12.52 14.26
CA GLU A 28 -30.95 13.52 14.45
C GLU A 28 -29.57 12.92 14.24
N ALA A 29 -29.37 11.65 14.61
CA ALA A 29 -28.09 11.01 14.35
C ALA A 29 -27.83 10.90 12.84
N ALA A 30 -28.86 10.52 12.08
CA ALA A 30 -28.70 10.34 10.65
C ALA A 30 -28.51 11.67 9.93
N SER A 31 -29.20 12.71 10.36
CA SER A 31 -29.15 13.96 9.61
C SER A 31 -27.93 14.80 9.92
N GLY A 32 -27.23 14.54 11.01
CA GLY A 32 -25.97 15.21 11.27
C GLY A 32 -26.10 16.68 11.62
N SER A 33 -24.94 17.31 11.70
CA SER A 33 -24.83 18.74 11.98
C SER A 33 -23.52 19.23 11.36
N PHE A 34 -23.24 20.51 11.54
CA PHE A 34 -22.01 21.08 10.97
C PHE A 34 -20.77 20.31 11.43
N GLY A 35 -20.75 19.88 12.68
CA GLY A 35 -19.56 19.22 13.18
C GLY A 35 -19.38 17.82 12.65
N ARG A 36 -20.44 17.21 12.15
CA ARG A 36 -20.35 15.86 11.62
C ARG A 36 -21.59 15.53 10.80
N LEU A 37 -21.45 15.40 9.50
CA LEU A 37 -22.57 15.06 8.64
C LEU A 37 -22.10 14.06 7.59
N HIS A 38 -23.06 13.49 6.87
CA HIS A 38 -22.79 12.43 5.91
C HIS A 38 -23.53 12.72 4.62
N CYS A 39 -22.85 12.51 3.50
CA CYS A 39 -23.45 12.75 2.20
C CYS A 39 -22.55 12.10 1.15
N GLN A 40 -23.09 11.97 -0.06
CA GLN A 40 -22.34 11.54 -1.23
C GLN A 40 -21.64 12.72 -1.91
N VAL A 41 -22.31 13.87 -1.98
CA VAL A 41 -21.73 15.09 -2.50
C VAL A 41 -22.02 16.20 -1.50
N LEU A 42 -21.00 16.97 -1.16
CA LEU A 42 -21.10 18.14 -0.29
C LEU A 42 -21.06 19.41 -1.14
N ARG A 43 -21.93 20.36 -0.82
CA ARG A 43 -21.86 21.70 -1.40
C ARG A 43 -21.53 22.69 -0.30
N LEU A 44 -20.51 23.52 -0.53
CA LEU A 44 -20.14 24.61 0.37
C LEU A 44 -20.45 25.91 -0.33
N ILE A 45 -21.24 26.77 0.31
CA ILE A 45 -21.47 28.13 -0.14
C ILE A 45 -20.84 29.04 0.89
N THR A 46 -19.72 29.66 0.54
CA THR A 46 -18.93 30.43 1.48
C THR A 46 -18.77 31.87 1.01
N ASN A 47 -18.45 32.73 1.96
CA ASN A 47 -18.18 34.14 1.69
C ASN A 47 -16.70 34.39 1.96
N VAL A 48 -15.99 34.87 0.94
CA VAL A 48 -14.56 35.11 1.11
C VAL A 48 -14.35 36.36 1.95
N GLU A 49 -13.55 36.23 3.00
CA GLU A 49 -13.26 37.32 3.90
C GLU A 49 -11.85 37.11 4.44
N GLY A 50 -11.42 38.01 5.33
CA GLY A 50 -10.09 37.89 5.89
C GLY A 50 -9.01 38.70 5.20
N GLY A 51 -9.38 39.64 4.35
CA GLY A 51 -8.38 40.47 3.73
C GLY A 51 -8.85 40.94 2.37
N SER A 52 -7.88 41.18 1.49
CA SER A 52 -8.17 41.62 0.14
C SER A 52 -7.43 40.73 -0.84
N LEU A 53 -7.89 40.79 -2.09
CA LEU A 53 -7.35 39.99 -3.19
C LEU A 53 -7.35 40.88 -4.43
N GLU A 54 -6.18 41.41 -4.79
CA GLU A 54 -6.12 42.34 -5.91
C GLU A 54 -6.46 41.63 -7.22
N ALA A 55 -6.98 42.40 -8.18
CA ALA A 55 -7.29 41.83 -9.49
C ALA A 55 -6.02 41.30 -10.15
N GLY A 56 -6.08 40.06 -10.64
CA GLY A 56 -4.94 39.43 -11.24
C GLY A 56 -4.00 38.76 -10.26
N ARG A 57 -4.34 38.76 -8.97
CA ARG A 57 -3.53 38.16 -7.92
C ARG A 57 -4.12 36.81 -7.51
N LEU A 58 -3.35 36.10 -6.67
CA LEU A 58 -3.75 34.79 -6.16
C LEU A 58 -3.48 34.71 -4.67
N ARG A 59 -4.47 34.19 -3.93
CA ARG A 59 -4.31 33.88 -2.51
C ARG A 59 -5.00 32.55 -2.23
N LEU A 60 -4.55 31.87 -1.18
CA LEU A 60 -5.18 30.63 -0.76
C LEU A 60 -6.47 30.92 0.00
N LEU A 61 -7.48 30.07 -0.23
CA LEU A 61 -8.77 30.20 0.44
C LEU A 61 -9.00 28.97 1.31
N ASP A 62 -9.07 29.18 2.61
CA ASP A 62 -9.30 28.11 3.58
C ASP A 62 -10.80 27.92 3.74
N LEU A 63 -11.32 26.84 3.15
CA LEU A 63 -12.75 26.53 3.24
C LEU A 63 -13.15 26.04 4.63
N ARG A 64 -12.19 25.82 5.54
CA ARG A 64 -12.48 25.53 6.94
C ARG A 64 -13.36 24.30 7.11
N THR A 65 -13.09 23.26 6.31
CA THR A 65 -13.91 22.06 6.30
C THR A 65 -13.03 20.84 6.13
N ASN A 66 -13.37 19.77 6.83
CA ASN A 66 -12.63 18.51 6.77
C ASN A 66 -13.50 17.45 6.11
N ILE A 67 -12.87 16.61 5.29
CA ILE A 67 -13.53 15.52 4.61
C ILE A 67 -12.87 14.23 5.06
N GLU A 68 -13.68 13.23 5.40
CA GLU A 68 -13.16 11.94 5.83
C GLU A 68 -13.89 10.83 5.08
N VAL A 69 -13.15 9.76 4.77
CA VAL A 69 -13.71 8.55 4.21
C VAL A 69 -13.06 7.37 4.91
N SER A 70 -13.70 6.22 4.83
CA SER A 70 -13.26 5.06 5.60
C SER A 70 -12.32 4.15 4.83
N ARG A 71 -12.05 4.45 3.56
CA ARG A 71 -11.28 3.64 2.64
C ARG A 71 -10.58 4.59 1.68
N PRO A 72 -9.33 4.36 1.33
CA PRO A 72 -8.61 5.32 0.47
C PRO A 72 -9.36 5.63 -0.81
N SER A 73 -9.47 6.92 -1.12
CA SER A 73 -10.29 7.40 -2.21
C SER A 73 -9.62 8.59 -2.86
N VAL A 74 -10.22 9.09 -3.94
CA VAL A 74 -9.79 10.34 -4.54
C VAL A 74 -10.74 11.41 -4.04
N LEU A 75 -10.28 12.21 -3.09
CA LEU A 75 -11.09 13.29 -2.51
C LEU A 75 -10.96 14.52 -3.38
N CYS A 76 -12.04 14.93 -4.01
CA CYS A 76 -12.02 16.05 -4.93
C CYS A 76 -12.84 17.22 -4.40
N CYS A 77 -12.41 18.42 -4.77
CA CYS A 77 -13.10 19.65 -4.42
C CYS A 77 -13.00 20.57 -5.64
N PHE A 78 -14.09 20.69 -6.41
CA PHE A 78 -14.15 21.50 -7.62
C PHE A 78 -15.13 22.67 -7.45
N GLN A 79 -14.87 23.77 -8.15
CA GLN A 79 -15.85 24.83 -8.24
C GLN A 79 -17.14 24.29 -8.87
N GLU A 80 -18.27 24.80 -8.41
CA GLU A 80 -19.56 24.31 -8.89
C GLU A 80 -19.98 25.10 -10.12
N ASN A 81 -20.44 24.38 -11.15
CA ASN A 81 -21.24 24.96 -12.21
C ASN A 81 -22.70 24.78 -11.82
N LYS A 82 -23.43 25.89 -11.68
CA LYS A 82 -24.79 25.79 -11.19
C LYS A 82 -25.79 25.37 -12.25
N SER A 83 -25.42 25.42 -13.53
CA SER A 83 -26.33 25.11 -14.63
C SER A 83 -25.64 24.24 -15.68
N PRO A 84 -26.38 23.32 -16.31
CA PRO A 84 -25.79 22.51 -17.39
C PRO A 84 -25.37 23.35 -18.59
N HIS A 85 -25.88 24.56 -18.73
CA HIS A 85 -25.52 25.42 -19.85
C HIS A 85 -24.28 26.25 -19.55
N ASP A 86 -23.71 26.13 -18.36
CA ASP A 86 -22.53 26.89 -18.00
C ASP A 86 -21.30 26.37 -18.74
N THR A 87 -20.39 27.29 -19.04
CA THR A 87 -19.10 26.90 -19.59
C THR A 87 -18.13 26.62 -18.46
N VAL A 88 -16.97 26.09 -18.83
CA VAL A 88 -15.86 25.95 -17.89
C VAL A 88 -14.87 27.10 -18.02
N ASP A 89 -15.34 28.25 -18.51
CA ASP A 89 -14.48 29.43 -18.59
C ASP A 89 -14.15 29.95 -17.20
N LEU A 90 -12.98 30.60 -17.09
CA LEU A 90 -12.61 31.22 -15.83
C LEU A 90 -13.70 32.19 -15.37
N THR A 91 -13.86 32.28 -14.06
CA THR A 91 -14.78 33.25 -13.46
C THR A 91 -13.96 34.33 -12.76
N ASP A 92 -14.63 35.44 -12.43
CA ASP A 92 -13.93 36.54 -11.79
C ASP A 92 -13.25 36.09 -10.50
N LEU A 93 -13.99 35.39 -9.63
CA LEU A 93 -13.40 34.69 -8.49
C LEU A 93 -13.37 33.21 -8.86
N ASN A 94 -12.16 32.69 -9.11
CA ASN A 94 -11.95 31.37 -9.67
C ASN A 94 -11.28 30.48 -8.64
N ILE A 95 -11.83 29.28 -8.42
CA ILE A 95 -11.25 28.30 -7.51
C ILE A 95 -10.63 27.17 -8.32
N LYS A 96 -9.35 26.93 -8.11
CA LYS A 96 -8.66 25.83 -8.78
C LYS A 96 -9.04 24.50 -8.14
N GLY A 97 -9.33 23.51 -8.98
CA GLY A 97 -9.73 22.21 -8.47
C GLY A 97 -8.66 21.60 -7.58
N ARG A 98 -9.12 20.78 -6.62
CA ARG A 98 -8.26 20.14 -5.62
C ARG A 98 -8.49 18.64 -5.60
N CYS A 99 -7.42 17.86 -5.71
CA CYS A 99 -7.51 16.40 -5.70
C CYS A 99 -6.54 15.88 -4.65
N VAL A 100 -7.05 15.13 -3.69
CA VAL A 100 -6.25 14.52 -2.65
C VAL A 100 -6.59 13.04 -2.60
N VAL A 101 -5.57 12.20 -2.51
CA VAL A 101 -5.75 10.76 -2.43
C VAL A 101 -5.42 10.30 -1.01
N GLY A 102 -6.39 9.72 -0.34
CA GLY A 102 -6.21 9.34 1.05
C GLY A 102 -7.55 9.15 1.71
N GLU A 103 -7.53 9.28 3.04
CA GLU A 103 -8.75 9.10 3.82
C GLU A 103 -9.26 10.38 4.45
N GLN A 104 -8.48 11.46 4.44
CA GLN A 104 -8.94 12.74 4.97
C GLN A 104 -8.29 13.86 4.17
N ASP A 105 -8.93 15.03 4.24
CA ASP A 105 -8.40 16.22 3.58
C ASP A 105 -8.96 17.44 4.29
N ARG A 106 -8.16 18.50 4.35
CA ARG A 106 -8.61 19.81 4.81
C ARG A 106 -8.70 20.72 3.59
N LEU A 107 -9.92 21.18 3.28
CA LEU A 107 -10.17 21.86 2.02
C LEU A 107 -9.48 23.23 2.02
N LEU A 108 -8.38 23.33 1.30
CA LEU A 108 -7.63 24.57 1.12
C LEU A 108 -7.30 24.72 -0.35
N VAL A 109 -7.84 25.76 -1.00
CA VAL A 109 -7.81 25.86 -2.45
C VAL A 109 -7.23 27.19 -2.93
N ASP A 110 -6.70 27.17 -4.15
CA ASP A 110 -6.27 28.41 -4.82
C ASP A 110 -7.48 29.23 -5.22
N LEU A 111 -7.51 30.50 -4.79
CA LEU A 111 -8.50 31.46 -5.25
C LEU A 111 -7.79 32.50 -6.11
N ASN A 112 -8.07 32.47 -7.41
CA ASN A 112 -7.53 33.45 -8.34
C ASN A 112 -8.52 34.59 -8.51
N ASN A 113 -8.04 35.82 -8.43
CA ASN A 113 -8.86 36.97 -8.79
C ASN A 113 -8.57 37.32 -10.25
N PHE A 114 -9.28 36.64 -11.14
CA PHE A 114 -9.33 37.04 -12.54
C PHE A 114 -10.30 38.21 -12.61
N GLY A 115 -10.70 38.64 -13.80
CA GLY A 115 -11.62 39.75 -13.89
C GLY A 115 -10.95 41.06 -13.50
N PRO A 116 -11.68 42.16 -13.66
CA PRO A 116 -11.03 43.48 -13.64
C PRO A 116 -10.76 44.10 -12.26
N ARG A 117 -11.68 43.99 -11.32
CA ARG A 117 -11.55 44.71 -10.07
C ARG A 117 -11.20 43.80 -8.90
N ARG A 118 -10.53 44.39 -7.90
CA ARG A 118 -10.06 43.65 -6.74
C ARG A 118 -11.20 43.32 -5.78
N LEU A 119 -10.92 42.42 -4.84
CA LEU A 119 -11.87 42.00 -3.82
C LEU A 119 -11.55 42.69 -2.50
N THR A 120 -12.50 43.47 -2.00
CA THR A 120 -12.48 44.09 -0.68
C THR A 120 -13.52 43.43 0.21
N PRO A 121 -13.43 43.66 1.53
CA PRO A 121 -14.46 43.10 2.43
C PRO A 121 -15.88 43.46 2.01
N GLY A 122 -16.62 42.47 1.53
CA GLY A 122 -18.01 42.67 1.12
C GLY A 122 -18.20 43.71 0.04
N SER A 123 -17.31 43.73 -0.96
CA SER A 123 -17.45 44.68 -2.05
C SER A 123 -18.81 44.55 -2.73
N GLU A 124 -19.16 43.32 -3.10
CA GLU A 124 -20.43 42.98 -3.74
C GLU A 124 -20.63 41.48 -3.66
N ASN A 125 -20.26 40.79 -4.73
CA ASN A 125 -20.41 39.34 -4.83
C ASN A 125 -19.11 38.73 -4.32
N ASN A 126 -19.14 38.21 -3.10
CA ASN A 126 -18.03 37.53 -2.47
C ASN A 126 -18.36 36.08 -2.17
N THR A 127 -19.37 35.54 -2.85
CA THR A 127 -19.89 34.21 -2.58
C THR A 127 -19.41 33.24 -3.64
N VAL A 128 -18.56 32.30 -3.23
CA VAL A 128 -18.11 31.23 -4.11
C VAL A 128 -18.75 29.93 -3.62
N SER A 129 -18.83 28.97 -4.53
CA SER A 129 -19.55 27.73 -4.27
C SER A 129 -18.75 26.56 -4.80
N VAL A 130 -18.66 25.48 -4.02
CA VAL A 130 -17.78 24.37 -4.34
C VAL A 130 -18.50 23.04 -4.08
N LEU A 131 -18.16 22.01 -4.85
CA LEU A 131 -18.68 20.66 -4.63
C LEU A 131 -17.55 19.71 -4.28
N ALA A 132 -17.73 18.95 -3.20
CA ALA A 132 -16.74 17.97 -2.77
C ALA A 132 -17.32 16.56 -2.83
N PHE A 133 -16.47 15.58 -3.13
CA PHE A 133 -16.88 14.20 -3.33
C PHE A 133 -15.65 13.30 -3.35
N ALA A 134 -15.86 12.01 -3.12
CA ALA A 134 -14.78 11.02 -3.07
C ALA A 134 -15.01 9.95 -4.15
N LEU A 135 -14.00 9.72 -4.97
CA LEU A 135 -14.08 8.68 -5.98
C LEU A 135 -13.43 7.40 -5.47
N PRO A 136 -14.04 6.25 -5.74
CA PRO A 136 -13.50 4.99 -5.24
C PRO A 136 -12.23 4.59 -5.98
N LEU A 137 -11.35 3.89 -5.28
CA LEU A 137 -10.13 3.33 -5.86
C LEU A 137 -10.20 1.80 -5.75
N ASP A 138 -10.93 1.17 -6.68
CA ASP A 138 -10.97 -0.28 -6.69
C ASP A 138 -9.61 -0.84 -7.10
N ARG A 139 -9.41 -2.12 -6.81
CA ARG A 139 -8.15 -2.79 -7.12
C ARG A 139 -8.10 -3.12 -8.61
N VAL A 140 -7.20 -2.48 -9.34
CA VAL A 140 -7.04 -2.71 -10.76
C VAL A 140 -5.60 -3.13 -11.03
N PRO A 141 -5.36 -4.41 -11.29
CA PRO A 141 -4.00 -4.85 -11.61
C PRO A 141 -3.58 -4.39 -13.00
N VAL A 142 -2.29 -4.09 -13.14
CA VAL A 142 -1.72 -3.65 -14.41
C VAL A 142 -0.40 -4.37 -14.62
N SER A 143 -0.20 -4.89 -15.83
CA SER A 143 1.07 -5.50 -16.19
C SER A 143 2.06 -4.42 -16.64
N GLY A 144 3.18 -4.33 -15.94
CA GLY A 144 4.20 -3.35 -16.30
C GLY A 144 5.04 -3.78 -17.48
N LEU A 145 5.38 -5.07 -17.55
CA LEU A 145 6.16 -5.65 -18.64
C LEU A 145 5.28 -6.71 -19.32
N HIS A 146 4.34 -6.22 -20.12
CA HIS A 146 3.46 -7.10 -20.86
C HIS A 146 4.19 -7.71 -22.04
N LEU A 147 3.88 -8.97 -22.35
CA LEU A 147 4.45 -9.66 -23.52
C LEU A 147 3.59 -9.36 -24.73
N PHE A 148 3.89 -8.24 -25.39
CA PHE A 148 3.25 -7.91 -26.66
C PHE A 148 3.71 -8.86 -27.77
N GLN A 149 2.93 -8.90 -28.85
CA GLN A 149 3.28 -9.71 -30.00
C GLN A 149 4.17 -8.91 -30.93
N SER A 150 5.29 -9.52 -31.34
CA SER A 150 6.25 -8.85 -32.19
C SER A 150 5.69 -8.69 -33.60
N GLN A 151 6.38 -7.90 -34.42
CA GLN A 151 6.03 -7.67 -35.81
C GLN A 151 7.29 -7.69 -36.64
N ARG A 152 7.36 -8.60 -37.60
CA ARG A 152 8.56 -8.79 -38.41
C ARG A 152 8.26 -8.65 -39.91
N PRO A 160 15.86 -13.01 -36.21
CA PRO A 160 16.32 -14.10 -35.33
C PRO A 160 17.43 -13.63 -34.40
N ARG A 161 18.66 -14.10 -34.65
CA ARG A 161 19.86 -13.80 -33.84
C ARG A 161 19.70 -14.03 -32.34
N MET A 162 19.74 -15.30 -31.93
CA MET A 162 19.61 -15.72 -30.53
C MET A 162 20.83 -15.30 -29.74
N GLU A 163 20.93 -14.00 -29.48
CA GLU A 163 22.17 -13.41 -28.98
C GLU A 163 22.45 -13.84 -27.54
N ALA A 164 21.41 -13.89 -26.70
CA ALA A 164 21.59 -14.15 -25.28
C ALA A 164 21.35 -15.61 -24.95
N ARG A 165 22.11 -16.12 -23.98
CA ARG A 165 21.98 -17.49 -23.50
C ARG A 165 21.25 -17.48 -22.16
N ALA A 166 20.15 -18.23 -22.09
CA ALA A 166 19.25 -18.20 -20.95
C ALA A 166 19.13 -19.57 -20.32
N ILE A 167 19.00 -19.60 -18.99
CA ILE A 167 18.67 -20.80 -18.24
C ILE A 167 17.25 -20.63 -17.73
N ILE A 168 16.34 -21.50 -18.18
CA ILE A 168 14.93 -21.42 -17.86
C ILE A 168 14.62 -22.54 -16.88
N ARG A 169 14.14 -22.18 -15.69
CA ARG A 169 13.78 -23.15 -14.65
C ARG A 169 12.39 -22.86 -14.13
N ARG A 170 11.60 -23.91 -13.93
CA ARG A 170 10.21 -23.77 -13.51
C ARG A 170 10.14 -23.82 -11.99
N THR A 171 9.67 -22.72 -11.38
CA THR A 171 9.47 -22.67 -9.94
C THR A 171 8.04 -23.11 -9.62
N ALA A 172 7.62 -22.89 -8.38
CA ALA A 172 6.31 -23.37 -7.95
C ALA A 172 5.20 -22.75 -8.77
N HIS A 173 5.32 -21.47 -9.13
CA HIS A 173 4.21 -20.78 -9.74
C HIS A 173 4.54 -19.99 -10.99
N HIS A 174 5.81 -19.87 -11.38
CA HIS A 174 6.16 -19.12 -12.59
C HIS A 174 7.42 -19.72 -13.20
N TRP A 175 7.86 -19.15 -14.32
CA TRP A 175 9.11 -19.54 -14.96
C TRP A 175 10.18 -18.51 -14.65
N ALA A 176 11.29 -18.97 -14.09
CA ALA A 176 12.42 -18.11 -13.77
C ALA A 176 13.49 -18.23 -14.84
N VAL A 177 13.95 -17.08 -15.35
CA VAL A 177 14.94 -17.01 -16.41
C VAL A 177 16.19 -16.34 -15.87
N ARG A 178 17.33 -17.02 -15.96
CA ARG A 178 18.64 -16.47 -15.68
C ARG A 178 19.39 -16.32 -16.99
N LEU A 179 19.86 -15.11 -17.27
CA LEU A 179 20.28 -14.76 -18.62
C LEU A 179 21.51 -13.86 -18.56
N THR A 180 22.49 -14.15 -19.41
CA THR A 180 23.63 -13.25 -19.60
C THR A 180 23.72 -12.87 -21.07
N VAL A 181 24.25 -11.67 -21.31
CA VAL A 181 24.31 -11.12 -22.66
C VAL A 181 25.37 -10.03 -22.68
N THR A 182 25.98 -9.85 -23.86
CA THR A 182 26.85 -8.71 -24.15
C THR A 182 26.13 -7.83 -25.17
N PRO A 183 25.33 -6.87 -24.74
CA PRO A 183 24.45 -6.15 -25.67
C PRO A 183 25.21 -5.12 -26.49
N ASN A 184 24.55 -4.68 -27.57
CA ASN A 184 25.04 -3.59 -28.43
C ASN A 184 24.30 -2.32 -28.04
N TRP A 185 24.91 -1.52 -27.18
CA TRP A 185 24.27 -0.31 -26.68
C TRP A 185 24.32 0.79 -27.72
N ARG A 186 23.23 1.56 -27.81
CA ARG A 186 23.20 2.75 -28.65
C ARG A 186 22.72 3.91 -27.78
N ARG A 187 23.42 5.03 -27.84
CA ARG A 187 22.99 6.23 -27.13
C ARG A 187 21.81 6.88 -27.84
N ARG A 188 20.76 7.16 -27.09
CA ARG A 188 19.58 7.87 -27.59
C ARG A 188 19.46 9.18 -26.83
N THR A 189 19.61 10.30 -27.53
CA THR A 189 19.43 11.60 -26.89
C THR A 189 17.94 11.89 -26.74
N ASP A 190 17.58 12.52 -25.63
CA ASP A 190 16.19 12.82 -25.32
C ASP A 190 16.18 14.04 -24.41
N SER A 191 15.72 15.17 -24.94
CA SER A 191 15.76 16.43 -24.21
C SER A 191 14.67 16.56 -23.16
N SER A 192 13.69 15.65 -23.14
CA SER A 192 12.70 15.63 -22.08
C SER A 192 13.24 15.03 -20.78
N LEU A 193 14.40 14.35 -20.83
CA LEU A 193 14.98 13.70 -19.67
C LEU A 193 16.05 14.58 -19.05
N GLU A 194 16.07 14.60 -17.72
CA GLU A 194 17.06 15.39 -16.98
C GLU A 194 18.48 15.03 -17.38
N ALA A 195 18.73 13.76 -17.72
CA ALA A 195 20.04 13.33 -18.18
C ALA A 195 20.29 13.63 -19.65
N GLY A 196 19.27 14.06 -20.40
CA GLY A 196 19.39 14.33 -21.81
C GLY A 196 19.58 13.12 -22.71
N GLN A 197 19.76 11.93 -22.15
CA GLN A 197 20.04 10.76 -22.97
C GLN A 197 19.67 9.51 -22.19
N ILE A 198 19.67 8.39 -22.90
CA ILE A 198 19.43 7.07 -22.31
C ILE A 198 20.04 6.04 -23.25
N PHE A 199 20.70 5.05 -22.67
CA PHE A 199 21.33 3.99 -23.45
C PHE A 199 20.35 2.84 -23.64
N VAL A 200 20.23 2.36 -24.88
CA VAL A 200 19.25 1.35 -25.25
C VAL A 200 19.95 0.17 -25.92
N SER A 201 19.38 -1.02 -25.75
CA SER A 201 19.83 -2.20 -26.45
C SER A 201 18.65 -3.15 -26.56
N GLN A 202 18.86 -4.25 -27.28
CA GLN A 202 17.81 -5.25 -27.47
C GLN A 202 18.42 -6.56 -27.96
N PHE A 203 17.81 -7.68 -27.58
CA PHE A 203 18.28 -9.01 -27.93
C PHE A 203 17.14 -9.99 -27.69
N ALA A 204 17.37 -11.26 -28.05
CA ALA A 204 16.34 -12.28 -27.90
C ALA A 204 16.95 -13.54 -27.31
N PHE A 205 16.08 -14.38 -26.75
CA PHE A 205 16.47 -15.68 -26.22
C PHE A 205 15.37 -16.71 -26.52
N ARG A 206 15.76 -17.97 -26.58
CA ARG A 206 14.82 -19.01 -26.95
C ARG A 206 13.82 -19.29 -25.82
N ALA A 207 12.54 -19.34 -26.19
CA ALA A 207 11.49 -19.54 -25.20
C ALA A 207 11.60 -20.89 -24.49
N GLY A 208 12.12 -21.89 -25.19
CA GLY A 208 12.27 -23.20 -24.57
C GLY A 208 10.93 -23.78 -24.17
N ALA A 209 10.81 -24.19 -22.91
CA ALA A 209 9.60 -24.82 -22.42
C ALA A 209 8.50 -23.83 -22.03
N ILE A 210 8.73 -22.53 -22.16
CA ILE A 210 7.75 -21.52 -21.80
C ILE A 210 6.63 -21.50 -22.83
N PRO A 211 5.36 -21.70 -22.42
CA PRO A 211 4.25 -21.61 -23.39
C PRO A 211 3.86 -20.17 -23.73
N LEU A 212 4.31 -19.68 -24.88
CA LEU A 212 4.06 -18.28 -25.22
C LEU A 212 2.59 -17.98 -25.46
N THR A 213 1.73 -19.00 -25.57
CA THR A 213 0.29 -18.76 -25.64
C THR A 213 -0.35 -18.57 -24.28
N LEU A 214 0.36 -18.89 -23.19
CA LEU A 214 -0.18 -18.82 -21.83
C LEU A 214 0.38 -17.67 -21.00
N VAL A 215 1.68 -17.40 -21.09
CA VAL A 215 2.30 -16.36 -20.29
C VAL A 215 2.09 -15.01 -20.97
N ASP A 216 2.02 -13.95 -20.16
CA ASP A 216 1.80 -12.62 -20.70
C ASP A 216 2.55 -11.51 -19.98
N ALA A 217 3.46 -11.82 -19.06
CA ALA A 217 4.12 -10.77 -18.30
C ALA A 217 5.50 -11.22 -17.83
N LEU A 218 6.34 -10.23 -17.55
CA LEU A 218 7.65 -10.42 -16.93
C LEU A 218 7.75 -9.58 -15.67
N GLU A 219 8.69 -9.97 -14.81
CA GLU A 219 9.04 -9.17 -13.64
C GLU A 219 10.54 -9.32 -13.42
N GLN A 220 11.24 -8.20 -13.44
CA GLN A 220 12.67 -8.22 -13.18
C GLN A 220 12.91 -8.43 -11.69
N LEU A 221 13.78 -9.39 -11.36
CA LEU A 221 14.07 -9.73 -9.98
C LEU A 221 15.49 -9.40 -9.55
N ALA A 222 16.45 -9.40 -10.47
CA ALA A 222 17.82 -9.09 -10.15
C ALA A 222 18.57 -8.70 -11.41
N CYS A 223 19.54 -7.80 -11.25
CA CYS A 223 20.38 -7.36 -12.35
C CYS A 223 21.77 -7.08 -11.83
N SER A 224 22.78 -7.48 -12.62
CA SER A 224 24.17 -7.27 -12.24
C SER A 224 24.56 -5.80 -12.25
N ASP A 225 23.77 -4.93 -12.87
CA ASP A 225 24.05 -3.50 -12.93
C ASP A 225 22.88 -2.69 -12.35
N PRO A 226 23.14 -1.76 -11.43
CA PRO A 226 22.04 -1.09 -10.72
C PRO A 226 21.30 -0.06 -11.57
N ASN A 227 21.74 0.21 -12.81
CA ASN A 227 21.08 1.21 -13.65
C ASN A 227 20.50 0.61 -14.93
N THR A 228 20.38 -0.70 -14.99
CA THR A 228 19.90 -1.39 -16.18
C THR A 228 18.57 -2.05 -15.88
N TYR A 229 17.59 -1.88 -16.76
CA TYR A 229 16.28 -2.47 -16.54
C TYR A 229 15.65 -2.84 -17.86
N ILE A 230 14.74 -3.81 -17.79
CA ILE A 230 13.99 -4.24 -18.96
C ILE A 230 12.93 -3.18 -19.26
N HIS A 231 13.04 -2.56 -20.44
CA HIS A 231 12.14 -1.47 -20.81
C HIS A 231 10.83 -1.99 -21.39
N LYS A 232 10.90 -2.98 -22.27
CA LYS A 232 9.70 -3.61 -22.83
C LYS A 232 10.10 -4.98 -23.34
N THR A 233 9.09 -5.74 -23.78
CA THR A 233 9.32 -7.12 -24.17
C THR A 233 8.32 -7.50 -25.27
N GLU A 234 8.77 -8.31 -26.23
CA GLU A 234 7.91 -8.80 -27.30
C GLU A 234 8.13 -10.29 -27.47
N THR A 235 7.13 -10.95 -28.05
CA THR A 235 7.18 -12.39 -28.30
C THR A 235 6.80 -12.66 -29.75
N ASP A 236 7.34 -13.75 -30.27
CA ASP A 236 6.99 -14.27 -31.59
C ASP A 236 6.68 -15.75 -31.41
N GLU A 237 5.41 -16.13 -31.59
CA GLU A 237 5.03 -17.53 -31.41
C GLU A 237 5.62 -18.42 -32.50
N ARG A 238 5.74 -17.91 -33.73
CA ARG A 238 6.28 -18.72 -34.81
C ARG A 238 7.77 -19.03 -34.60
N GLY A 239 8.52 -18.11 -34.00
CA GLY A 239 9.93 -18.34 -33.78
C GLY A 239 10.26 -18.89 -32.40
N GLN A 240 9.30 -18.82 -31.49
CA GLN A 240 9.49 -19.31 -30.13
C GLN A 240 10.67 -18.60 -29.45
N TRP A 241 10.68 -17.27 -29.55
CA TRP A 241 11.67 -16.47 -28.86
C TRP A 241 10.99 -15.29 -28.18
N ILE A 242 11.69 -14.71 -27.22
CA ILE A 242 11.24 -13.55 -26.48
C ILE A 242 12.27 -12.46 -26.67
N MET A 243 11.84 -11.30 -27.14
CA MET A 243 12.72 -10.17 -27.37
C MET A 243 12.68 -9.24 -26.16
N LEU A 244 13.86 -8.90 -25.64
CA LEU A 244 14.00 -7.97 -24.53
C LEU A 244 14.63 -6.67 -25.00
N PHE A 245 14.09 -5.55 -24.52
CA PHE A 245 14.60 -4.21 -24.80
C PHE A 245 15.09 -3.60 -23.49
N LEU A 246 16.40 -3.37 -23.39
CA LEU A 246 16.98 -2.84 -22.16
C LEU A 246 17.23 -1.35 -22.27
N HIS A 247 17.18 -0.68 -21.11
CA HIS A 247 17.52 0.72 -20.96
C HIS A 247 18.60 0.83 -19.89
N HIS A 248 19.52 1.76 -20.09
CA HIS A 248 20.57 2.00 -19.10
C HIS A 248 20.65 3.49 -18.84
N ASP A 249 20.61 3.87 -17.57
CA ASP A 249 20.58 5.27 -17.16
C ASP A 249 21.87 5.61 -16.43
N SER A 250 22.95 5.67 -17.19
CA SER A 250 24.22 6.19 -16.68
C SER A 250 25.09 6.55 -17.88
N PRO A 251 26.19 7.26 -17.65
CA PRO A 251 27.05 7.63 -18.79
C PRO A 251 27.73 6.44 -19.44
N HIS A 252 27.97 5.35 -18.69
CA HIS A 252 28.75 4.22 -19.19
C HIS A 252 27.94 2.93 -19.10
N PRO A 253 27.32 2.47 -20.19
CA PRO A 253 26.59 1.21 -20.12
C PRO A 253 27.53 0.05 -19.90
N PRO A 254 27.10 -1.00 -19.21
CA PRO A 254 27.99 -2.13 -18.93
C PRO A 254 28.18 -3.00 -20.17
N THR A 255 29.38 -3.56 -20.28
CA THR A 255 29.69 -4.40 -21.42
C THR A 255 28.86 -5.68 -21.42
N SER A 256 28.73 -6.33 -20.26
CA SER A 256 27.89 -7.51 -20.13
C SER A 256 26.94 -7.35 -18.96
N VAL A 257 25.78 -8.00 -19.05
CA VAL A 257 24.69 -7.84 -18.10
C VAL A 257 24.14 -9.22 -17.72
N PHE A 258 24.01 -9.46 -16.41
CA PHE A 258 23.26 -10.61 -15.90
C PHE A 258 21.85 -10.17 -15.51
N LEU A 259 20.86 -10.97 -15.90
CA LEU A 259 19.46 -10.68 -15.60
C LEU A 259 18.78 -11.92 -15.03
N HIS A 260 18.03 -11.71 -13.95
CA HIS A 260 17.17 -12.72 -13.35
C HIS A 260 15.75 -12.15 -13.37
N PHE A 261 14.84 -12.80 -14.09
CA PHE A 261 13.47 -12.32 -14.16
C PHE A 261 12.52 -13.51 -14.20
N SER A 262 11.24 -13.21 -14.03
CA SER A 262 10.20 -14.21 -14.04
C SER A 262 9.27 -13.99 -15.23
N VAL A 263 8.79 -15.10 -15.79
CA VAL A 263 7.79 -15.09 -16.84
C VAL A 263 6.56 -15.78 -16.28
N TYR A 264 5.42 -15.10 -16.35
CA TYR A 264 4.23 -15.61 -15.68
C TYR A 264 2.98 -15.15 -16.41
N THR A 265 1.84 -15.58 -15.90
CA THR A 265 0.54 -15.19 -16.44
C THR A 265 -0.13 -14.24 -15.47
N HIS A 266 -0.37 -13.01 -15.92
CA HIS A 266 -0.94 -11.97 -15.07
C HIS A 266 -2.43 -11.76 -15.32
N ARG A 267 -2.87 -11.84 -16.58
CA ARG A 267 -4.29 -11.69 -16.92
C ARG A 267 -4.82 -10.33 -16.45
N ALA A 268 -4.00 -9.30 -16.55
CA ALA A 268 -4.46 -7.95 -16.26
C ALA A 268 -5.28 -7.41 -17.41
N GLU A 269 -6.34 -6.65 -17.08
CA GLU A 269 -7.14 -5.99 -18.12
C GLU A 269 -6.52 -4.67 -18.55
N VAL A 270 -5.53 -4.18 -17.82
CA VAL A 270 -4.83 -2.94 -18.13
C VAL A 270 -3.35 -3.25 -18.25
N VAL A 271 -2.75 -2.86 -19.36
CA VAL A 271 -1.33 -3.05 -19.56
C VAL A 271 -0.68 -1.72 -19.89
N ALA A 272 0.57 -1.57 -19.48
CA ALA A 272 1.40 -0.43 -19.86
C ALA A 272 2.16 -0.78 -21.12
N ARG A 273 2.37 0.23 -21.98
CA ARG A 273 3.15 0.01 -23.19
C ARG A 273 4.61 -0.29 -22.88
N HIS A 274 5.18 0.41 -21.89
CA HIS A 274 6.56 0.18 -21.44
C HIS A 274 6.56 0.00 -19.93
N ASN A 275 7.69 -0.46 -19.42
CA ASN A 275 7.93 -0.51 -17.98
C ASN A 275 7.58 0.83 -17.35
N PRO A 276 6.69 0.85 -16.34
CA PRO A 276 6.39 2.12 -15.66
C PRO A 276 7.61 2.75 -15.03
N TYR A 277 8.58 1.95 -14.62
CA TYR A 277 9.82 2.50 -14.12
C TYR A 277 10.60 3.15 -15.28
N PRO A 278 11.22 4.31 -15.05
CA PRO A 278 11.34 5.08 -13.81
C PRO A 278 10.36 6.25 -13.67
N HIS A 279 9.50 6.53 -14.65
CA HIS A 279 8.70 7.74 -14.60
C HIS A 279 7.37 7.58 -13.88
N LEU A 280 6.87 6.35 -13.78
CA LEU A 280 5.61 6.05 -13.09
C LEU A 280 5.88 5.13 -11.91
N ARG A 281 5.64 5.62 -10.70
CA ARG A 281 5.84 4.84 -9.48
C ARG A 281 4.55 4.09 -9.15
N ARG A 282 4.66 2.77 -9.04
CA ARG A 282 3.48 1.94 -8.77
C ARG A 282 2.89 2.28 -7.41
N LEU A 283 1.58 2.32 -7.36
CA LEU A 283 0.88 2.60 -6.11
C LEU A 283 0.10 1.36 -5.65
N PRO A 284 -0.14 1.22 -4.35
CA PRO A 284 -0.88 0.04 -3.87
C PRO A 284 -2.30 0.00 -4.42
N ASP A 285 -2.68 -1.15 -4.97
CA ASP A 285 -4.04 -1.43 -5.44
C ASP A 285 -4.42 -0.77 -6.75
N ASN A 286 -4.21 0.53 -6.87
CA ASN A 286 -4.69 1.25 -8.04
C ASN A 286 -3.76 2.41 -8.40
N GLY A 287 -3.29 2.42 -9.65
CA GLY A 287 -2.65 3.59 -10.22
C GLY A 287 -1.15 3.69 -10.05
N PHE A 288 -0.64 4.81 -10.57
CA PHE A 288 0.78 5.14 -10.55
C PHE A 288 0.96 6.62 -10.22
N GLN A 289 2.11 6.96 -9.66
CA GLN A 289 2.47 8.35 -9.42
C GLN A 289 3.45 8.79 -10.51
N LEU A 290 3.12 9.88 -11.20
CA LEU A 290 3.95 10.38 -12.28
C LEU A 290 5.03 11.29 -11.72
N LEU A 291 6.29 10.96 -11.99
CA LEU A 291 7.44 11.70 -11.49
C LEU A 291 8.03 12.54 -12.61
N ILE A 292 8.26 13.82 -12.33
CA ILE A 292 8.77 14.76 -13.32
C ILE A 292 10.07 14.23 -13.91
N PRO A 293 10.16 14.04 -15.22
CA PRO A 293 11.40 13.50 -15.80
C PRO A 293 12.51 14.52 -15.97
N LYS A 294 12.25 15.81 -15.75
CA LYS A 294 13.27 16.83 -15.97
C LYS A 294 12.87 18.12 -15.26
N SER A 295 13.81 18.69 -14.52
CA SER A 295 13.54 19.92 -13.78
C SER A 295 13.17 21.05 -14.75
N PHE A 296 12.25 21.90 -14.31
CA PHE A 296 11.92 23.09 -15.06
C PHE A 296 11.37 24.13 -14.10
N THR A 297 11.39 25.39 -14.52
CA THR A 297 10.93 26.51 -13.70
C THR A 297 9.96 27.34 -14.51
N LEU A 298 8.76 27.54 -13.97
CA LEU A 298 7.75 28.35 -14.63
C LEU A 298 7.96 29.80 -14.23
N THR A 299 8.20 30.66 -15.22
CA THR A 299 8.38 32.09 -15.00
C THR A 299 7.41 32.86 -15.89
N ARG A 300 7.44 34.19 -15.76
CA ARG A 300 6.52 34.98 -16.57
C ARG A 300 6.90 34.97 -18.04
N ILE A 301 8.16 34.66 -18.37
CA ILE A 301 8.54 34.55 -19.77
C ILE A 301 8.46 33.13 -20.30
N HIS A 302 8.46 32.13 -19.42
CA HIS A 302 8.18 30.75 -19.78
C HIS A 302 7.12 30.19 -18.85
N PRO A 303 5.87 30.66 -18.99
CA PRO A 303 4.82 30.28 -18.04
C PRO A 303 4.21 28.90 -18.28
N GLU A 304 4.63 28.17 -19.30
CA GLU A 304 4.09 26.84 -19.56
C GLU A 304 5.23 25.87 -19.84
N TYR A 305 5.00 24.62 -19.46
CA TYR A 305 5.91 23.53 -19.76
C TYR A 305 5.05 22.30 -19.94
N ILE A 306 5.38 21.49 -20.94
CA ILE A 306 4.63 20.29 -21.28
C ILE A 306 5.45 19.10 -20.80
N VAL A 307 4.92 18.38 -19.82
CA VAL A 307 5.55 17.17 -19.33
C VAL A 307 5.03 16.01 -20.17
N GLN A 308 5.95 15.24 -20.76
CA GLN A 308 5.57 14.12 -21.60
C GLN A 308 6.49 12.95 -21.31
N ILE A 309 5.91 11.75 -21.23
CA ILE A 309 6.70 10.53 -21.04
C ILE A 309 6.37 9.57 -22.18
N GLN A 310 7.33 8.71 -22.51
CA GLN A 310 7.15 7.69 -23.55
C GLN A 310 6.47 6.48 -22.92
N ASN A 311 5.19 6.64 -22.62
CA ASN A 311 4.41 5.55 -22.07
C ASN A 311 2.94 5.86 -22.20
N ALA A 312 2.14 4.80 -22.20
CA ALA A 312 0.70 4.91 -22.31
C ALA A 312 0.10 3.62 -21.80
N PHE A 313 -1.21 3.65 -21.53
CA PHE A 313 -1.90 2.47 -21.05
C PHE A 313 -2.86 1.95 -22.11
N GLU A 314 -3.04 0.63 -22.11
CA GLU A 314 -4.02 -0.03 -22.97
C GLU A 314 -4.98 -0.79 -22.08
N THR A 315 -6.26 -0.48 -22.20
CA THR A 315 -7.29 -1.11 -21.40
C THR A 315 -8.33 -1.86 -22.23
N ASN A 316 -8.35 -1.66 -23.54
CA ASN A 316 -9.39 -2.25 -24.38
C ASN A 316 -10.77 -1.86 -23.87
N GLN A 317 -10.89 -0.61 -23.42
CA GLN A 317 -12.15 -0.05 -22.97
C GLN A 317 -12.70 -0.72 -21.70
N THR A 318 -11.88 -1.48 -20.97
CA THR A 318 -12.33 -2.03 -19.70
C THR A 318 -12.24 -1.03 -18.56
N HIS A 319 -11.46 0.04 -18.71
CA HIS A 319 -11.28 1.02 -17.64
C HIS A 319 -11.06 2.40 -18.24
N ASP A 320 -11.48 3.42 -17.49
CA ASP A 320 -11.12 4.81 -17.78
C ASP A 320 -9.87 5.16 -16.97
N THR A 321 -9.02 6.01 -17.56
CA THR A 321 -7.75 6.40 -16.95
C THR A 321 -7.76 7.90 -16.71
N ILE A 322 -7.73 8.30 -15.44
CA ILE A 322 -7.79 9.71 -15.06
C ILE A 322 -6.50 10.10 -14.35
N PHE A 323 -6.02 11.31 -14.64
CA PHE A 323 -4.84 11.88 -14.00
C PHE A 323 -5.30 12.93 -13.01
N PHE A 324 -4.89 12.77 -11.76
CA PHE A 324 -5.22 13.73 -10.71
C PHE A 324 -3.93 14.42 -10.29
N PRO A 325 -3.74 15.69 -10.63
CA PRO A 325 -2.45 16.34 -10.38
C PRO A 325 -2.24 16.67 -8.91
N GLU A 326 -0.97 16.89 -8.57
CA GLU A 326 -0.63 17.43 -7.27
C GLU A 326 -1.29 18.78 -7.05
N ASN A 327 -1.31 19.21 -5.80
CA ASN A 327 -1.86 20.52 -5.43
C ASN A 327 -0.67 21.44 -5.16
N ILE A 328 -0.18 22.08 -6.21
CA ILE A 328 0.94 23.01 -6.15
C ILE A 328 0.39 24.42 -6.27
N PRO A 329 0.47 25.25 -5.23
CA PRO A 329 -0.11 26.59 -5.31
C PRO A 329 0.55 27.41 -6.41
N GLY A 330 -0.28 28.13 -7.15
CA GLY A 330 0.19 28.95 -8.24
C GLY A 330 0.49 28.21 -9.52
N VAL A 331 0.23 26.91 -9.59
CA VAL A 331 0.43 26.14 -10.80
C VAL A 331 -0.86 25.41 -11.14
N SER A 332 -1.16 25.33 -12.43
CA SER A 332 -2.36 24.66 -12.93
C SER A 332 -1.92 23.55 -13.87
N ILE A 333 -2.19 22.31 -13.47
CA ILE A 333 -1.80 21.12 -14.21
C ILE A 333 -3.05 20.53 -14.86
N GLU A 334 -2.91 20.03 -16.08
CA GLU A 334 -4.05 19.42 -16.74
C GLU A 334 -4.50 18.18 -15.98
N ALA A 335 -5.80 17.98 -15.93
CA ALA A 335 -6.38 16.89 -15.16
C ALA A 335 -7.47 16.21 -15.98
N GLY A 336 -7.60 14.90 -15.80
CA GLY A 336 -8.73 14.20 -16.37
C GLY A 336 -8.38 12.99 -17.20
N PRO A 337 -9.33 12.57 -18.02
CA PRO A 337 -9.13 11.38 -18.86
C PRO A 337 -7.85 11.46 -19.69
N LEU A 338 -7.12 10.35 -19.71
CA LEU A 338 -6.00 10.14 -20.61
C LEU A 338 -6.39 9.08 -21.62
N PRO A 339 -6.34 9.37 -22.93
CA PRO A 339 -6.76 8.37 -23.91
C PRO A 339 -5.74 7.25 -23.98
N ASP A 340 -6.25 6.04 -24.18
CA ASP A 340 -5.37 4.87 -24.27
C ASP A 340 -4.41 5.02 -25.46
N ARG A 341 -3.22 4.44 -25.30
CA ARG A 341 -2.21 4.31 -26.36
C ARG A 341 -1.65 5.65 -26.83
N VAL A 342 -1.95 6.75 -26.14
CA VAL A 342 -1.38 8.06 -26.44
C VAL A 342 -0.36 8.40 -25.36
N ARG A 343 0.83 8.83 -25.78
CA ARG A 343 1.86 9.19 -24.82
C ARG A 343 1.29 10.12 -23.75
N ILE A 344 1.62 9.82 -22.50
CA ILE A 344 1.08 10.61 -21.40
C ILE A 344 1.67 12.01 -21.48
N THR A 345 0.80 13.00 -21.67
CA THR A 345 1.21 14.38 -21.94
C THR A 345 0.36 15.32 -21.10
N LEU A 346 1.03 16.16 -20.32
CA LEU A 346 0.33 17.07 -19.41
C LEU A 346 0.95 18.46 -19.47
N ARG A 347 0.08 19.46 -19.60
CA ARG A 347 0.49 20.85 -19.67
C ARG A 347 0.50 21.46 -18.27
N VAL A 348 1.58 22.16 -17.94
CA VAL A 348 1.76 22.79 -16.63
C VAL A 348 1.87 24.29 -16.86
N THR A 349 0.95 25.05 -16.28
CA THR A 349 0.82 26.48 -16.54
C THR A 349 0.94 27.28 -15.25
N LEU A 350 1.66 28.39 -15.32
CA LEU A 350 1.82 29.27 -14.18
C LEU A 350 0.58 30.12 -14.03
N THR A 351 -0.05 30.06 -12.86
CA THR A 351 -1.23 30.85 -12.56
C THR A 351 -1.06 31.70 -11.31
N GLY A 352 0.11 31.65 -10.66
CA GLY A 352 0.38 32.42 -9.48
C GLY A 352 1.13 33.71 -9.79
N ASP A 353 1.43 34.43 -8.72
CA ASP A 353 2.14 35.69 -8.78
C ASP A 353 3.65 35.54 -8.64
N GLN A 354 4.17 34.32 -8.74
CA GLN A 354 5.57 34.06 -8.43
C GLN A 354 6.08 32.88 -9.25
N ALA A 355 7.37 32.91 -9.55
CA ALA A 355 7.98 31.79 -10.26
C ALA A 355 7.94 30.54 -9.41
N VAL A 356 7.73 29.40 -10.05
CA VAL A 356 7.62 28.13 -9.35
C VAL A 356 8.59 27.15 -10.00
N HIS A 357 9.42 26.51 -9.19
CA HIS A 357 10.35 25.50 -9.67
C HIS A 357 9.80 24.12 -9.38
N LEU A 358 10.01 23.19 -10.31
CA LEU A 358 9.60 21.80 -10.15
C LEU A 358 10.82 20.93 -10.38
N GLU A 359 11.09 20.05 -9.42
CA GLU A 359 12.34 19.33 -9.41
C GLU A 359 12.22 17.98 -10.09
N HIS A 360 13.31 17.58 -10.75
CA HIS A 360 13.42 16.23 -11.29
C HIS A 360 13.03 15.20 -10.23
N ARG A 361 12.15 14.28 -10.61
CA ARG A 361 11.63 13.18 -9.80
C ARG A 361 10.58 13.64 -8.78
N GLN A 362 10.27 14.92 -8.70
CA GLN A 362 9.15 15.35 -7.88
C GLN A 362 7.84 14.86 -8.49
N PRO A 363 6.86 14.47 -7.67
CA PRO A 363 5.59 14.00 -8.21
C PRO A 363 4.81 15.13 -8.87
N LEU A 364 4.26 14.85 -10.05
CA LEU A 364 3.36 15.78 -10.71
C LEU A 364 1.90 15.45 -10.48
N GLY A 365 1.58 14.20 -10.19
CA GLY A 365 0.22 13.78 -10.00
C GLY A 365 0.13 12.27 -9.97
N ARG A 366 -1.11 11.78 -9.98
CA ARG A 366 -1.39 10.36 -9.85
C ARG A 366 -2.34 9.93 -10.96
N ILE A 367 -2.01 8.82 -11.61
CA ILE A 367 -2.90 8.15 -12.56
C ILE A 367 -3.69 7.08 -11.80
N HIS A 368 -5.01 7.07 -11.98
CA HIS A 368 -5.87 6.11 -11.30
C HIS A 368 -6.90 5.57 -12.27
N PHE A 369 -7.30 4.32 -12.05
CA PHE A 369 -8.17 3.64 -13.00
C PHE A 369 -9.56 3.45 -12.42
N PHE A 370 -10.55 3.48 -13.30
CA PHE A 370 -11.94 3.31 -12.91
C PHE A 370 -12.59 2.33 -13.86
N ARG A 371 -13.35 1.38 -13.30
CA ARG A 371 -13.98 0.35 -14.10
C ARG A 371 -14.93 0.97 -15.11
N ARG A 372 -15.14 0.26 -16.22
CA ARG A 372 -16.08 0.76 -17.21
C ARG A 372 -17.45 0.90 -16.55
N GLY A 373 -18.15 1.98 -16.90
CA GLY A 373 -19.42 2.28 -16.31
C GLY A 373 -19.39 3.33 -15.22
N PHE A 374 -18.27 3.48 -14.51
CA PHE A 374 -18.24 4.50 -13.48
C PHE A 374 -18.44 5.87 -14.10
N TRP A 375 -17.54 6.24 -15.02
CA TRP A 375 -17.67 7.46 -15.78
C TRP A 375 -18.37 7.15 -17.09
N THR A 376 -19.38 7.96 -17.42
CA THR A 376 -20.10 7.83 -18.68
C THR A 376 -20.00 9.13 -19.46
N LEU A 377 -19.74 9.02 -20.76
CA LEU A 377 -19.63 10.19 -21.60
C LEU A 377 -20.94 10.97 -21.61
N THR A 378 -20.85 12.27 -21.42
CA THR A 378 -22.03 13.13 -21.44
C THR A 378 -22.71 13.13 -22.81
N PRO A 379 -23.98 12.75 -22.91
CA PRO A 379 -24.63 12.70 -24.23
C PRO A 379 -24.63 14.08 -24.88
N GLY A 380 -24.20 14.12 -26.14
CA GLY A 380 -24.03 15.36 -26.85
C GLY A 380 -22.59 15.80 -27.00
N LYS A 381 -21.66 15.13 -26.31
CA LYS A 381 -20.27 15.55 -26.42
C LYS A 381 -19.48 14.50 -27.18
N PRO A 382 -18.41 14.87 -27.87
CA PRO A 382 -17.68 13.90 -28.69
C PRO A 382 -17.01 12.82 -27.86
N ASP A 383 -16.20 13.22 -26.87
CA ASP A 383 -15.51 12.23 -26.05
C ASP A 383 -14.98 12.89 -24.79
N LYS A 384 -14.27 12.08 -24.00
CA LYS A 384 -13.75 12.50 -22.71
C LYS A 384 -12.41 13.20 -22.89
N ILE A 385 -12.25 14.35 -22.24
CA ILE A 385 -11.07 15.18 -22.40
C ILE A 385 -10.55 15.59 -21.02
N LYS A 386 -9.30 16.05 -21.01
CA LYS A 386 -8.68 16.63 -19.83
C LYS A 386 -8.84 18.15 -19.87
N ARG A 387 -8.54 18.79 -18.75
CA ARG A 387 -8.66 20.23 -18.62
C ARG A 387 -7.63 20.74 -17.63
N PRO A 388 -7.20 21.99 -17.75
CA PRO A 388 -6.36 22.58 -16.69
C PRO A 388 -7.08 22.55 -15.36
N GLN A 389 -6.29 22.52 -14.28
CA GLN A 389 -6.87 22.55 -12.95
C GLN A 389 -7.77 23.75 -12.73
N VAL A 390 -7.38 24.93 -13.25
CA VAL A 390 -8.18 26.13 -12.98
C VAL A 390 -9.55 26.08 -13.65
N GLN A 391 -9.77 25.15 -14.58
CA GLN A 391 -11.06 25.02 -15.24
C GLN A 391 -11.83 23.77 -14.80
N LEU A 392 -11.47 23.16 -13.67
CA LEU A 392 -12.22 22.01 -13.19
C LEU A 392 -13.54 22.46 -12.59
N ARG A 393 -14.64 21.84 -13.02
CA ARG A 393 -15.96 22.17 -12.54
C ARG A 393 -16.73 20.88 -12.30
N ALA A 394 -17.64 20.94 -11.34
CA ALA A 394 -18.57 19.85 -11.07
C ALA A 394 -19.97 20.44 -10.95
N GLY A 395 -20.97 19.64 -11.34
CA GLY A 395 -22.35 20.06 -11.22
C GLY A 395 -23.22 18.90 -10.78
N LEU A 396 -24.40 19.23 -10.30
CA LEU A 396 -25.41 18.25 -9.91
C LEU A 396 -26.64 18.48 -10.78
N PHE A 397 -26.77 17.70 -11.85
CA PHE A 397 -27.85 17.82 -12.83
C PHE A 397 -28.61 16.51 -12.95
N PRO A 398 -29.92 16.57 -13.22
CA PRO A 398 -30.71 15.34 -13.36
C PRO A 398 -30.32 14.59 -14.62
N ARG A 399 -30.72 13.32 -14.70
CA ARG A 399 -30.37 12.49 -15.84
C ARG A 399 -31.03 13.05 -17.10
N SER A 400 -30.42 14.10 -17.64
CA SER A 400 -30.76 14.63 -18.95
C SER A 400 -29.81 14.00 -19.96
N ASN A 401 -30.31 13.08 -20.79
CA ASN A 401 -29.53 12.51 -21.87
C ASN A 401 -29.99 13.07 -23.23
N GLY A 484 -34.50 12.41 -13.54
CA GLY A 484 -35.08 12.59 -12.22
C GLY A 484 -34.06 12.79 -11.12
N ALA A 485 -33.30 11.75 -10.80
CA ALA A 485 -32.27 11.85 -9.76
C ALA A 485 -31.07 12.64 -10.27
N LEU A 486 -30.36 13.25 -9.33
CA LEU A 486 -29.17 14.03 -9.65
C LEU A 486 -27.96 13.13 -9.89
N THR A 487 -27.11 13.57 -10.82
CA THR A 487 -25.87 12.88 -11.12
C THR A 487 -24.72 13.88 -11.00
N LEU A 488 -23.54 13.38 -10.65
CA LEU A 488 -22.35 14.21 -10.59
C LEU A 488 -21.82 14.38 -12.00
N VAL A 489 -21.87 15.59 -12.52
CA VAL A 489 -21.39 15.87 -13.87
C VAL A 489 -20.11 16.66 -13.76
N ILE A 490 -19.08 16.21 -14.47
CA ILE A 490 -17.83 16.95 -14.56
C ILE A 490 -17.78 17.54 -15.96
N PRO A 491 -18.39 18.72 -16.19
CA PRO A 491 -18.37 19.29 -17.54
C PRO A 491 -16.98 19.59 -18.05
N SER A 492 -16.00 19.74 -17.15
CA SER A 492 -14.62 19.90 -17.59
C SER A 492 -14.15 18.70 -18.39
N TRP A 493 -14.68 17.50 -18.11
CA TRP A 493 -14.23 16.26 -18.73
C TRP A 493 -15.26 15.65 -19.67
N HIS A 494 -16.48 16.20 -19.73
CA HIS A 494 -17.57 15.65 -20.54
C HIS A 494 -17.99 14.26 -20.04
N VAL A 495 -18.09 14.11 -18.72
CA VAL A 495 -18.39 12.82 -18.13
C VAL A 495 -19.20 13.01 -16.85
N PHE A 496 -19.89 11.95 -16.43
CA PHE A 496 -20.73 12.06 -15.24
C PHE A 496 -20.81 10.71 -14.55
N ALA A 497 -21.15 10.75 -13.26
CA ALA A 497 -21.23 9.54 -12.45
C ALA A 497 -22.49 9.58 -11.60
N SER A 498 -22.91 8.40 -11.16
CA SER A 498 -24.07 8.26 -10.29
C SER A 498 -23.68 8.43 -8.83
N LEU A 499 -24.55 9.07 -8.05
CA LEU A 499 -24.21 9.32 -6.65
C LEU A 499 -24.03 8.02 -5.88
N ASP A 500 -24.67 6.93 -6.33
CA ASP A 500 -24.57 5.65 -5.64
C ASP A 500 -23.16 5.06 -5.66
N ASP A 501 -22.33 5.46 -6.62
CA ASP A 501 -21.00 4.87 -6.74
C ASP A 501 -19.92 5.68 -6.05
N LEU A 502 -20.26 6.86 -5.53
CA LEU A 502 -19.29 7.66 -4.81
C LEU A 502 -19.08 7.08 -3.41
N VAL A 503 -17.95 7.44 -2.81
CA VAL A 503 -17.60 6.96 -1.47
C VAL A 503 -18.23 7.88 -0.45
N PRO A 504 -18.99 7.35 0.52
CA PRO A 504 -19.70 8.21 1.48
C PRO A 504 -18.76 9.10 2.27
N LEU A 505 -19.08 10.40 2.31
CA LEU A 505 -18.26 11.40 3.00
C LEU A 505 -18.72 11.59 4.44
N THR A 506 -17.74 11.91 5.29
CA THR A 506 -17.98 12.39 6.64
C THR A 506 -17.42 13.80 6.73
N VAL A 507 -18.31 14.76 6.76
CA VAL A 507 -17.94 16.17 6.68
C VAL A 507 -17.88 16.77 8.08
N SER A 508 -16.92 17.66 8.29
CA SER A 508 -16.78 18.35 9.56
C SER A 508 -16.39 19.80 9.26
N VAL A 509 -17.38 20.70 9.34
CA VAL A 509 -17.15 22.14 9.21
C VAL A 509 -16.66 22.68 10.54
N GLN A 510 -15.55 23.43 10.52
CA GLN A 510 -14.99 23.90 11.78
C GLN A 510 -15.94 24.88 12.47
N HIS A 511 -15.93 24.83 13.80
CA HIS A 511 -16.79 25.71 14.58
C HIS A 511 -16.53 27.17 14.24
N ALA A 512 -15.27 27.54 14.01
CA ALA A 512 -14.94 28.92 13.71
C ALA A 512 -15.64 29.40 12.44
N ALA A 513 -15.74 28.54 11.43
CA ALA A 513 -16.32 28.99 10.17
C ALA A 513 -17.82 29.29 10.26
N LEU A 514 -18.46 28.94 11.38
CA LEU A 514 -19.91 29.09 11.50
C LEU A 514 -20.29 30.52 11.85
N ARG A 515 -21.43 30.95 11.29
CA ARG A 515 -22.07 32.21 11.56
C ARG A 515 -23.43 31.92 12.17
N PRO A 516 -24.07 32.88 12.84
CA PRO A 516 -25.43 32.64 13.33
C PRO A 516 -26.43 32.40 12.19
N THR A 517 -26.11 32.80 10.95
CA THR A 517 -27.00 32.57 9.81
C THR A 517 -26.64 31.34 8.99
N SER A 518 -25.53 30.66 9.29
CA SER A 518 -25.19 29.45 8.56
C SER A 518 -26.31 28.42 8.74
N TYR A 519 -26.60 27.68 7.68
CA TYR A 519 -27.61 26.64 7.76
C TYR A 519 -27.25 25.48 6.86
N LEU A 520 -28.04 24.41 6.98
CA LEU A 520 -27.81 23.18 6.24
C LEU A 520 -29.01 22.86 5.37
N ARG A 521 -28.71 22.29 4.20
CA ARG A 521 -29.71 21.86 3.23
C ARG A 521 -29.52 20.38 2.92
N SER A 522 -30.58 19.77 2.40
CA SER A 522 -30.54 18.36 2.06
C SER A 522 -31.33 18.12 0.78
N ASP A 523 -30.75 17.28 -0.09
CA ASP A 523 -31.40 16.87 -1.32
C ASP A 523 -31.02 15.42 -1.59
N MET A 524 -31.78 14.78 -2.46
CA MET A 524 -31.54 13.39 -2.80
C MET A 524 -31.58 12.52 -1.54
N ASP A 525 -32.62 12.75 -0.73
CA ASP A 525 -32.80 11.96 0.50
C ASP A 525 -31.51 11.91 1.31
N GLY A 526 -30.84 13.05 1.42
CA GLY A 526 -29.61 13.14 2.18
C GLY A 526 -28.35 12.80 1.43
N ASP A 527 -28.45 12.48 0.13
CA ASP A 527 -27.23 12.20 -0.64
C ASP A 527 -26.45 13.48 -0.95
N VAL A 528 -27.14 14.61 -1.09
CA VAL A 528 -26.51 15.91 -1.34
C VAL A 528 -26.81 16.82 -0.15
N ARG A 529 -25.77 17.20 0.59
CA ARG A 529 -25.90 18.13 1.72
C ARG A 529 -25.20 19.44 1.39
N THR A 530 -25.83 20.54 1.77
CA THR A 530 -25.29 21.87 1.53
C THR A 530 -25.05 22.56 2.86
N ALA A 531 -23.86 23.13 3.01
CA ALA A 531 -23.53 23.98 4.15
C ALA A 531 -23.41 25.40 3.59
N ALA A 532 -24.36 26.27 3.94
CA ALA A 532 -24.48 27.58 3.34
C ALA A 532 -24.24 28.69 4.36
N ASP A 533 -23.76 29.84 3.87
CA ASP A 533 -23.46 31.01 4.69
C ASP A 533 -22.43 30.70 5.76
N ILE A 534 -21.40 29.92 5.41
CA ILE A 534 -20.26 29.75 6.28
C ILE A 534 -19.15 30.66 5.77
N SER A 535 -18.11 30.82 6.57
CA SER A 535 -17.07 31.79 6.25
C SER A 535 -15.75 31.08 5.98
N SER A 536 -15.01 31.61 5.03
CA SER A 536 -13.69 31.11 4.68
C SER A 536 -12.68 32.25 4.82
N THR A 537 -11.45 31.88 5.14
CA THR A 537 -10.36 32.81 5.39
C THR A 537 -9.40 32.84 4.21
N LEU A 538 -8.94 34.04 3.84
CA LEU A 538 -7.88 34.17 2.86
C LEU A 538 -6.52 34.00 3.52
N ARG A 539 -5.60 33.34 2.82
CA ARG A 539 -4.26 33.13 3.33
C ARG A 539 -3.28 33.42 2.20
N SER A 540 -2.09 33.86 2.57
CA SER A 540 -1.07 34.16 1.58
C SER A 540 -0.44 32.87 1.06
N VAL A 541 0.03 32.92 -0.18
CA VAL A 541 0.67 31.72 -0.75
C VAL A 541 2.02 31.52 -0.08
N PRO A 542 2.35 30.30 0.36
CA PRO A 542 3.63 30.08 1.06
C PRO A 542 4.83 30.31 0.16
N ALA A 543 6.02 30.33 0.78
CA ALA A 543 7.25 30.55 0.07
C ALA A 543 7.56 29.37 -0.86
N PRO A 544 8.39 29.60 -1.89
CA PRO A 544 8.74 28.58 -2.91
C PRO A 544 9.12 27.22 -2.32
N SER B 18 29.83 -13.92 -28.68
CA SER B 18 30.82 -13.43 -29.63
C SER B 18 32.20 -14.06 -29.39
N SER B 19 33.16 -13.23 -28.99
CA SER B 19 34.50 -13.71 -28.69
C SER B 19 34.56 -14.24 -27.26
N GLU B 20 35.68 -14.90 -26.94
CA GLU B 20 35.86 -15.43 -25.60
C GLU B 20 35.90 -14.31 -24.56
N ALA B 21 36.20 -13.07 -24.99
CA ALA B 21 36.16 -11.95 -24.06
C ALA B 21 34.74 -11.68 -23.58
N ALA B 22 33.74 -11.85 -24.47
CA ALA B 22 32.35 -11.72 -24.07
C ALA B 22 31.93 -12.83 -23.11
N ALA B 23 32.48 -14.03 -23.27
CA ALA B 23 32.15 -15.12 -22.37
C ALA B 23 32.68 -14.86 -20.96
N ILE B 24 33.84 -14.22 -20.85
CA ILE B 24 34.44 -13.97 -19.54
C ILE B 24 33.68 -12.86 -18.81
N SER B 25 33.31 -11.79 -19.52
CA SER B 25 32.59 -10.70 -18.88
C SER B 25 31.20 -11.13 -18.43
N GLU B 26 30.54 -11.98 -19.23
CA GLU B 26 29.23 -12.48 -18.84
C GLU B 26 29.33 -13.32 -17.59
N ALA B 27 30.38 -14.14 -17.47
CA ALA B 27 30.56 -14.94 -16.27
C ALA B 27 30.84 -14.07 -15.05
N GLU B 28 31.63 -13.00 -15.22
CA GLU B 28 31.88 -12.12 -14.10
C GLU B 28 30.61 -11.40 -13.66
N ALA B 29 29.74 -11.07 -14.62
CA ALA B 29 28.46 -10.45 -14.29
C ALA B 29 27.56 -11.41 -13.52
N ALA B 30 27.51 -12.68 -13.96
CA ALA B 30 26.61 -13.63 -13.33
C ALA B 30 27.07 -13.99 -11.92
N SER B 31 28.37 -14.13 -11.70
CA SER B 31 28.86 -14.57 -10.39
C SER B 31 29.01 -13.42 -9.40
N GLY B 32 29.11 -12.18 -9.86
CA GLY B 32 29.13 -11.06 -8.94
C GLY B 32 30.40 -10.96 -8.09
N SER B 33 30.35 -10.06 -7.12
CA SER B 33 31.45 -9.82 -6.20
C SER B 33 30.89 -9.38 -4.85
N PHE B 34 31.81 -9.09 -3.93
CA PHE B 34 31.39 -8.64 -2.60
C PHE B 34 30.48 -7.43 -2.69
N GLY B 35 30.75 -6.54 -3.64
CA GLY B 35 29.95 -5.33 -3.77
C GLY B 35 28.57 -5.55 -4.35
N ARG B 36 28.37 -6.65 -5.06
CA ARG B 36 27.06 -6.89 -5.68
C ARG B 36 26.98 -8.37 -6.02
N LEU B 37 26.06 -9.07 -5.36
CA LEU B 37 25.92 -10.50 -5.49
C LEU B 37 24.45 -10.85 -5.64
N HIS B 38 24.18 -12.08 -6.10
CA HIS B 38 22.82 -12.54 -6.31
C HIS B 38 22.71 -13.97 -5.80
N CYS B 39 21.64 -14.24 -5.06
CA CYS B 39 21.44 -15.56 -4.47
C CYS B 39 20.01 -15.65 -3.95
N GLN B 40 19.59 -16.88 -3.67
CA GLN B 40 18.33 -17.12 -2.97
C GLN B 40 18.52 -17.05 -1.46
N VAL B 41 19.64 -17.57 -0.97
CA VAL B 41 20.00 -17.55 0.44
C VAL B 41 21.43 -17.05 0.56
N LEU B 42 21.65 -16.06 1.43
CA LEU B 42 22.98 -15.54 1.71
C LEU B 42 23.46 -16.10 3.04
N ARG B 43 24.72 -16.54 3.10
CA ARG B 43 25.35 -16.92 4.35
C ARG B 43 26.50 -15.97 4.65
N LEU B 44 26.49 -15.40 5.85
CA LEU B 44 27.58 -14.57 6.35
C LEU B 44 28.28 -15.28 7.49
N ILE B 45 29.60 -15.44 7.38
CA ILE B 45 30.45 -15.94 8.46
C ILE B 45 31.38 -14.80 8.85
N THR B 46 31.14 -14.18 10.01
CA THR B 46 31.85 -12.97 10.39
C THR B 46 32.59 -13.16 11.72
N ASN B 47 33.57 -12.28 11.94
CA ASN B 47 34.36 -12.22 13.16
C ASN B 47 34.02 -10.91 13.87
N VAL B 48 33.57 -11.03 15.12
CA VAL B 48 33.18 -9.86 15.90
C VAL B 48 34.42 -9.09 16.34
N GLU B 49 34.40 -7.78 16.12
CA GLU B 49 35.53 -6.92 16.44
C GLU B 49 35.00 -5.54 16.84
N GLY B 50 35.92 -4.61 17.05
CA GLY B 50 35.61 -3.24 17.43
C GLY B 50 35.65 -3.00 18.92
N GLY B 51 35.27 -4.00 19.69
CA GLY B 51 35.30 -3.90 21.14
C GLY B 51 35.16 -5.28 21.72
N SER B 52 34.57 -5.34 22.91
CA SER B 52 34.36 -6.59 23.62
C SER B 52 32.90 -6.69 24.03
N LEU B 53 32.50 -7.90 24.42
CA LEU B 53 31.12 -8.17 24.83
C LEU B 53 31.17 -9.07 26.07
N GLU B 54 30.97 -8.46 27.24
CA GLU B 54 31.03 -9.17 28.50
C GLU B 54 29.88 -10.16 28.61
N ALA B 55 30.08 -11.22 29.39
CA ALA B 55 29.02 -12.18 29.62
C ALA B 55 27.85 -11.50 30.33
N GLY B 56 26.64 -11.69 29.79
CA GLY B 56 25.47 -11.02 30.31
C GLY B 56 25.19 -9.66 29.70
N ARG B 57 25.97 -9.25 28.70
CA ARG B 57 25.76 -7.98 28.02
C ARG B 57 24.99 -8.17 26.72
N LEU B 58 24.54 -7.05 26.17
CA LEU B 58 23.84 -7.02 24.89
C LEU B 58 24.40 -5.87 24.09
N ARG B 59 24.79 -6.15 22.85
CA ARG B 59 25.24 -5.09 21.97
C ARG B 59 24.75 -5.36 20.55
N LEU B 60 24.64 -4.30 19.77
CA LEU B 60 24.27 -4.44 18.37
C LEU B 60 25.48 -4.92 17.56
N LEU B 61 25.23 -5.80 16.60
CA LEU B 61 26.27 -6.30 15.71
C LEU B 61 25.93 -5.85 14.30
N ASP B 62 26.80 -5.02 13.72
CA ASP B 62 26.65 -4.53 12.36
C ASP B 62 27.31 -5.54 11.43
N LEU B 63 26.50 -6.33 10.73
CA LEU B 63 27.05 -7.29 9.77
C LEU B 63 27.62 -6.63 8.54
N ARG B 64 27.45 -5.32 8.39
CA ARG B 64 28.09 -4.56 7.30
C ARG B 64 27.67 -5.10 5.93
N THR B 65 26.39 -5.42 5.80
CA THR B 65 25.86 -6.04 4.58
C THR B 65 24.47 -5.48 4.28
N ASN B 66 24.21 -5.24 2.99
CA ASN B 66 22.93 -4.70 2.53
C ASN B 66 22.21 -5.74 1.68
N ILE B 67 20.89 -5.81 1.84
CA ILE B 67 20.04 -6.73 1.10
C ILE B 67 19.05 -5.92 0.29
N GLU B 68 18.87 -6.29 -0.97
CA GLU B 68 17.91 -5.64 -1.87
C GLU B 68 17.06 -6.68 -2.59
N VAL B 69 15.79 -6.33 -2.82
CA VAL B 69 14.89 -7.11 -3.65
C VAL B 69 14.10 -6.14 -4.52
N SER B 70 13.50 -6.64 -5.57
CA SER B 70 12.86 -5.75 -6.52
C SER B 70 11.37 -5.55 -6.25
N ARG B 71 10.82 -6.21 -5.23
CA ARG B 71 9.40 -6.19 -4.92
C ARG B 71 9.31 -6.34 -3.41
N PRO B 72 8.41 -5.60 -2.75
CA PRO B 72 8.35 -5.66 -1.29
C PRO B 72 8.24 -7.10 -0.80
N SER B 73 9.09 -7.46 0.16
CA SER B 73 9.23 -8.82 0.64
C SER B 73 9.51 -8.80 2.14
N VAL B 74 9.57 -9.98 2.74
CA VAL B 74 9.96 -10.12 4.13
C VAL B 74 11.44 -10.51 4.14
N LEU B 75 12.29 -9.53 4.44
CA LEU B 75 13.73 -9.72 4.49
C LEU B 75 14.11 -10.19 5.88
N CYS B 76 14.58 -11.44 5.97
CA CYS B 76 14.91 -12.09 7.23
C CYS B 76 16.40 -12.35 7.36
N CYS B 77 16.87 -12.32 8.60
CA CYS B 77 18.26 -12.63 8.92
C CYS B 77 18.27 -13.40 10.24
N PHE B 78 18.47 -14.71 10.16
CA PHE B 78 18.45 -15.58 11.34
C PHE B 78 19.83 -16.19 11.60
N GLN B 79 20.11 -16.48 12.86
CA GLN B 79 21.27 -17.28 13.19
C GLN B 79 21.13 -18.66 12.52
N GLU B 80 22.25 -19.21 12.07
CA GLU B 80 22.24 -20.47 11.34
C GLU B 80 22.36 -21.65 12.30
N ASN B 81 21.52 -22.67 12.08
CA ASN B 81 21.74 -24.00 12.63
C ASN B 81 22.45 -24.82 11.55
N LYS B 82 23.68 -25.26 11.86
CA LYS B 82 24.50 -25.90 10.86
C LYS B 82 24.16 -27.39 10.67
N SER B 83 23.39 -27.98 11.57
CA SER B 83 23.02 -29.39 11.48
C SER B 83 21.55 -29.57 11.79
N PRO B 84 20.89 -30.52 11.14
CA PRO B 84 19.47 -30.76 11.44
C PRO B 84 19.23 -31.23 12.85
N HIS B 85 20.25 -31.73 13.53
CA HIS B 85 20.11 -32.21 14.90
C HIS B 85 20.35 -31.12 15.94
N ASP B 86 20.64 -29.89 15.52
CA ASP B 86 20.85 -28.80 16.47
C ASP B 86 19.53 -28.41 17.13
N THR B 87 19.63 -27.95 18.37
CA THR B 87 18.44 -27.41 19.03
C THR B 87 18.33 -25.92 18.74
N VAL B 88 17.18 -25.35 19.10
CA VAL B 88 16.98 -23.91 19.04
C VAL B 88 17.21 -23.27 20.42
N ASP B 89 17.96 -23.94 21.29
CA ASP B 89 18.31 -23.37 22.57
C ASP B 89 19.24 -22.18 22.39
N LEU B 90 19.17 -21.25 23.34
CA LEU B 90 20.05 -20.10 23.29
C LEU B 90 21.50 -20.56 23.25
N THR B 91 22.33 -19.83 22.52
CA THR B 91 23.75 -20.12 22.46
C THR B 91 24.54 -19.07 23.22
N ASP B 92 25.80 -19.39 23.49
CA ASP B 92 26.65 -18.47 24.26
C ASP B 92 26.73 -17.12 23.58
N LEU B 93 27.00 -17.12 22.28
CA LEU B 93 26.86 -15.93 21.44
C LEU B 93 25.58 -16.10 20.63
N ASN B 94 24.56 -15.33 20.98
CA ASN B 94 23.21 -15.49 20.44
C ASN B 94 22.85 -14.28 19.60
N ILE B 95 22.39 -14.52 18.38
CA ILE B 95 21.94 -13.47 17.47
C ILE B 95 20.42 -13.53 17.40
N LYS B 96 19.77 -12.42 17.76
CA LYS B 96 18.32 -12.35 17.70
C LYS B 96 17.87 -12.21 16.25
N GLY B 97 16.86 -12.98 15.86
CA GLY B 97 16.38 -12.92 14.49
C GLY B 97 15.90 -11.54 14.11
N ARG B 98 16.06 -11.20 12.84
CA ARG B 98 15.71 -9.88 12.32
C ARG B 98 14.78 -10.03 11.13
N CYS B 99 13.63 -9.34 11.18
CA CYS B 99 12.64 -9.40 10.12
C CYS B 99 12.30 -7.97 9.70
N VAL B 100 12.50 -7.66 8.43
CA VAL B 100 12.15 -6.36 7.88
C VAL B 100 11.31 -6.58 6.65
N VAL B 101 10.22 -5.83 6.53
CA VAL B 101 9.33 -5.92 5.38
C VAL B 101 9.59 -4.68 4.52
N GLY B 102 9.98 -4.91 3.27
CA GLY B 102 10.34 -3.82 2.38
C GLY B 102 11.17 -4.36 1.22
N GLU B 103 11.96 -3.46 0.62
CA GLU B 103 12.80 -3.81 -0.51
C GLU B 103 14.29 -3.77 -0.19
N GLN B 104 14.70 -3.17 0.92
CA GLN B 104 16.10 -3.18 1.30
C GLN B 104 16.22 -3.19 2.82
N ASP B 105 17.38 -3.64 3.29
CA ASP B 105 17.67 -3.68 4.72
C ASP B 105 19.18 -3.65 4.92
N ARG B 106 19.59 -3.06 6.04
CA ARG B 106 20.96 -3.10 6.52
C ARG B 106 21.02 -4.03 7.74
N LEU B 107 21.74 -5.14 7.60
CA LEU B 107 21.70 -6.21 8.61
C LEU B 107 22.35 -5.74 9.91
N LEU B 108 21.52 -5.41 10.90
CA LEU B 108 21.99 -5.00 12.22
C LEU B 108 21.17 -5.74 13.27
N VAL B 109 21.83 -6.61 14.03
CA VAL B 109 21.14 -7.58 14.87
C VAL B 109 21.60 -7.47 16.31
N ASP B 110 20.71 -7.90 17.22
CA ASP B 110 21.05 -8.03 18.62
C ASP B 110 22.01 -9.20 18.81
N LEU B 111 23.15 -8.93 19.44
CA LEU B 111 24.08 -9.97 19.84
C LEU B 111 24.08 -10.02 21.37
N ASN B 112 23.49 -11.08 21.92
CA ASN B 112 23.48 -11.33 23.35
C ASN B 112 24.60 -12.29 23.70
N ASN B 113 25.36 -11.96 24.74
CA ASN B 113 26.32 -12.91 25.32
C ASN B 113 25.61 -13.61 26.49
N PHE B 114 24.87 -14.66 26.15
CA PHE B 114 24.28 -15.54 27.15
C PHE B 114 25.27 -16.54 27.71
N GLY B 115 26.46 -16.65 27.14
CA GLY B 115 27.43 -17.61 27.62
C GLY B 115 28.13 -17.14 28.87
N PRO B 116 28.96 -18.02 29.43
CA PRO B 116 29.54 -17.76 30.76
C PRO B 116 30.74 -16.84 30.67
N ARG B 117 31.51 -16.93 29.59
CA ARG B 117 32.77 -16.23 29.47
C ARG B 117 32.60 -14.96 28.65
N ARG B 118 33.54 -14.04 28.85
CA ARG B 118 33.55 -12.80 28.09
C ARG B 118 33.98 -13.08 26.66
N LEU B 119 33.76 -12.10 25.79
CA LEU B 119 34.15 -12.22 24.38
C LEU B 119 35.46 -11.47 24.18
N THR B 120 36.46 -12.17 23.65
CA THR B 120 37.73 -11.52 23.38
C THR B 120 37.83 -11.15 21.92
N PRO B 121 38.71 -10.19 21.58
CA PRO B 121 38.90 -9.85 20.16
C PRO B 121 39.28 -11.04 19.30
N GLY B 122 39.71 -12.15 19.89
CA GLY B 122 40.06 -13.36 19.19
C GLY B 122 39.42 -14.58 19.84
N SER B 123 40.15 -15.69 19.77
CA SER B 123 39.70 -16.96 20.34
C SER B 123 38.71 -17.65 19.41
N GLU B 124 38.36 -18.89 19.74
CA GLU B 124 37.42 -19.65 18.93
C GLU B 124 36.03 -19.02 18.90
N ASN B 125 35.68 -18.28 19.95
CA ASN B 125 34.33 -17.74 20.10
C ASN B 125 34.15 -16.32 19.56
N ASN B 126 34.62 -16.03 18.35
CA ASN B 126 34.29 -14.76 17.73
C ASN B 126 33.64 -14.93 16.37
N THR B 127 33.25 -16.15 15.99
CA THR B 127 32.70 -16.44 14.67
C THR B 127 31.21 -16.79 14.80
N VAL B 128 30.36 -15.91 14.30
CA VAL B 128 28.93 -16.17 14.21
C VAL B 128 28.55 -16.30 12.75
N SER B 129 27.41 -16.98 12.51
CA SER B 129 26.95 -17.24 11.15
C SER B 129 25.43 -17.08 11.06
N VAL B 130 24.97 -16.45 9.98
CA VAL B 130 23.56 -16.13 9.79
C VAL B 130 23.17 -16.48 8.36
N LEU B 131 21.89 -16.78 8.17
CA LEU B 131 21.32 -16.98 6.85
C LEU B 131 20.31 -15.85 6.59
N ALA B 132 20.41 -15.23 5.42
CA ALA B 132 19.50 -14.17 5.02
C ALA B 132 18.73 -14.62 3.80
N PHE B 133 17.47 -14.21 3.72
CA PHE B 133 16.58 -14.65 2.65
C PHE B 133 15.36 -13.76 2.65
N ALA B 134 14.64 -13.74 1.52
CA ALA B 134 13.46 -12.92 1.35
C ALA B 134 12.26 -13.80 1.03
N LEU B 135 11.19 -13.61 1.79
CA LEU B 135 9.95 -14.35 1.55
C LEU B 135 8.99 -13.51 0.71
N PRO B 136 8.28 -14.13 -0.23
CA PRO B 136 7.37 -13.36 -1.09
C PRO B 136 6.10 -12.95 -0.35
N LEU B 137 5.58 -11.77 -0.73
CA LEU B 137 4.30 -11.28 -0.22
C LEU B 137 3.32 -11.15 -1.39
N ASP B 138 2.72 -12.28 -1.77
CA ASP B 138 1.68 -12.29 -2.79
C ASP B 138 0.41 -11.65 -2.26
N ARG B 139 -0.51 -11.35 -3.19
CA ARG B 139 -1.76 -10.68 -2.83
C ARG B 139 -2.72 -11.70 -2.21
N VAL B 140 -3.10 -11.50 -0.96
CA VAL B 140 -4.04 -12.37 -0.27
C VAL B 140 -5.20 -11.53 0.27
N PRO B 141 -6.36 -11.56 -0.40
CA PRO B 141 -7.51 -10.79 0.09
C PRO B 141 -8.05 -11.35 1.39
N VAL B 142 -8.59 -10.46 2.22
CA VAL B 142 -9.12 -10.84 3.53
C VAL B 142 -10.43 -10.10 3.80
N SER B 143 -11.45 -10.83 4.24
CA SER B 143 -12.70 -10.23 4.70
C SER B 143 -12.56 -9.83 6.17
N GLY B 144 -12.70 -8.54 6.45
CA GLY B 144 -12.63 -8.07 7.81
C GLY B 144 -13.93 -8.29 8.56
N LEU B 145 -15.05 -8.06 7.88
CA LEU B 145 -16.39 -8.25 8.42
C LEU B 145 -17.05 -9.31 7.56
N HIS B 146 -16.69 -10.56 7.83
CA HIS B 146 -17.31 -11.69 7.15
C HIS B 146 -18.69 -11.95 7.71
N LEU B 147 -19.62 -12.37 6.85
CA LEU B 147 -20.97 -12.71 7.29
C LEU B 147 -20.99 -14.17 7.72
N PHE B 148 -20.64 -14.42 8.99
CA PHE B 148 -20.76 -15.77 9.53
C PHE B 148 -22.23 -16.18 9.67
N GLN B 149 -22.45 -17.48 9.81
CA GLN B 149 -23.80 -17.99 10.06
C GLN B 149 -24.08 -18.02 11.55
N SER B 150 -25.22 -17.47 11.93
CA SER B 150 -25.61 -17.37 13.33
C SER B 150 -25.98 -18.76 13.87
N GLN B 151 -26.09 -18.85 15.20
CA GLN B 151 -26.58 -20.06 15.85
C GLN B 151 -27.47 -19.63 17.02
N ARG B 152 -28.77 -19.88 16.89
CA ARG B 152 -29.71 -19.52 17.95
C ARG B 152 -30.63 -20.69 18.28
N GLU B 156 -34.73 -20.29 18.49
CA GLU B 156 -35.03 -20.14 17.07
C GLU B 156 -36.51 -19.85 16.84
N GLU B 157 -37.37 -20.37 17.72
CA GLU B 157 -38.78 -19.98 17.71
C GLU B 157 -38.92 -18.48 17.88
N ASN B 158 -38.32 -17.93 18.94
CA ASN B 158 -38.24 -16.50 19.15
C ASN B 158 -36.87 -16.01 18.70
N ARG B 159 -36.86 -15.06 17.77
CA ARG B 159 -35.64 -14.56 17.14
C ARG B 159 -35.40 -13.11 17.59
N PRO B 160 -34.39 -12.44 17.04
CA PRO B 160 -34.14 -11.04 17.42
C PRO B 160 -35.38 -10.19 17.18
N ARG B 161 -35.50 -9.10 17.94
CA ARG B 161 -36.71 -8.29 17.88
C ARG B 161 -36.74 -7.32 16.69
N MET B 162 -35.89 -7.51 15.68
CA MET B 162 -35.79 -6.58 14.55
C MET B 162 -35.71 -5.15 15.07
N GLU B 163 -34.60 -4.89 15.75
CA GLU B 163 -34.45 -3.66 16.52
C GLU B 163 -34.17 -2.44 15.64
N ALA B 164 -33.30 -2.60 14.65
CA ALA B 164 -32.85 -1.48 13.83
C ALA B 164 -33.65 -1.39 12.53
N ARG B 165 -33.91 -0.18 12.07
CA ARG B 165 -34.62 0.06 10.83
C ARG B 165 -33.61 0.47 9.76
N ALA B 166 -33.60 -0.26 8.64
CA ALA B 166 -32.60 -0.07 7.59
C ALA B 166 -33.27 0.33 6.29
N ILE B 167 -32.59 1.18 5.54
CA ILE B 167 -32.97 1.50 4.17
C ILE B 167 -31.91 0.88 3.27
N ILE B 168 -32.32 -0.07 2.45
CA ILE B 168 -31.42 -0.86 1.63
C ILE B 168 -31.53 -0.43 0.17
N ARG B 169 -30.42 -0.03 -0.42
CA ARG B 169 -30.37 0.37 -1.82
C ARG B 169 -29.28 -0.43 -2.52
N ARG B 170 -29.59 -0.94 -3.70
CA ARG B 170 -28.66 -1.77 -4.47
C ARG B 170 -27.91 -0.88 -5.46
N THR B 171 -26.59 -0.78 -5.30
CA THR B 171 -25.77 -0.01 -6.22
C THR B 171 -25.26 -0.93 -7.32
N ALA B 172 -24.33 -0.40 -8.13
CA ALA B 172 -23.86 -1.16 -9.29
C ALA B 172 -23.27 -2.50 -8.89
N HIS B 173 -22.52 -2.54 -7.78
CA HIS B 173 -21.76 -3.72 -7.40
C HIS B 173 -21.97 -4.19 -5.97
N HIS B 174 -22.71 -3.47 -5.15
CA HIS B 174 -22.96 -3.92 -3.78
C HIS B 174 -24.34 -3.44 -3.33
N TRP B 175 -24.72 -3.82 -2.12
CA TRP B 175 -25.93 -3.33 -1.48
C TRP B 175 -25.54 -2.33 -0.39
N ALA B 176 -26.10 -1.13 -0.47
CA ALA B 176 -25.84 -0.08 0.51
C ALA B 176 -26.96 -0.05 1.54
N VAL B 177 -26.58 -0.08 2.82
CA VAL B 177 -27.52 -0.09 3.93
C VAL B 177 -27.35 1.19 4.73
N ARG B 178 -28.42 1.96 4.87
CA ARG B 178 -28.48 3.10 5.78
C ARG B 178 -29.39 2.74 6.94
N LEU B 179 -28.85 2.82 8.15
CA LEU B 179 -29.50 2.20 9.29
C LEU B 179 -29.37 3.11 10.51
N THR B 180 -30.46 3.26 11.25
CA THR B 180 -30.42 3.92 12.56
C THR B 180 -30.92 2.95 13.62
N VAL B 181 -30.45 3.15 14.85
CA VAL B 181 -30.75 2.25 15.95
C VAL B 181 -30.56 3.00 17.25
N THR B 182 -31.34 2.61 18.27
CA THR B 182 -31.12 3.08 19.64
C THR B 182 -30.61 1.89 20.42
N PRO B 183 -29.30 1.67 20.47
CA PRO B 183 -28.78 0.39 20.98
C PRO B 183 -28.83 0.31 22.49
N ASN B 184 -28.70 -0.93 22.97
CA ASN B 184 -28.64 -1.25 24.39
C ASN B 184 -27.18 -1.48 24.76
N TRP B 185 -26.52 -0.44 25.23
CA TRP B 185 -25.09 -0.53 25.49
C TRP B 185 -24.82 -1.26 26.80
N ARG B 186 -23.74 -2.05 26.79
CA ARG B 186 -23.25 -2.77 27.97
C ARG B 186 -21.77 -2.47 28.14
N ARG B 187 -21.36 -2.12 29.37
CA ARG B 187 -19.94 -1.99 29.65
C ARG B 187 -19.35 -3.38 29.81
N ARG B 188 -18.27 -3.65 29.08
CA ARG B 188 -17.51 -4.88 29.22
C ARG B 188 -16.11 -4.47 29.66
N THR B 189 -15.72 -4.84 30.87
CA THR B 189 -14.39 -4.52 31.36
C THR B 189 -13.37 -5.45 30.75
N ASP B 190 -12.18 -4.92 30.47
CA ASP B 190 -11.13 -5.71 29.83
C ASP B 190 -9.80 -5.07 30.19
N SER B 191 -9.02 -5.77 31.00
CA SER B 191 -7.76 -5.24 31.49
C SER B 191 -6.65 -5.29 30.45
N SER B 192 -6.88 -5.98 29.33
CA SER B 192 -5.91 -5.99 28.24
C SER B 192 -5.92 -4.71 27.43
N LEU B 193 -6.94 -3.86 27.60
CA LEU B 193 -7.08 -2.62 26.83
C LEU B 193 -6.60 -1.44 27.65
N GLU B 194 -5.91 -0.51 26.98
CA GLU B 194 -5.42 0.69 27.65
C GLU B 194 -6.53 1.42 28.40
N ALA B 195 -7.74 1.40 27.84
CA ALA B 195 -8.88 2.03 28.49
C ALA B 195 -9.50 1.17 29.58
N GLY B 196 -9.09 -0.09 29.69
CA GLY B 196 -9.65 -1.01 30.65
C GLY B 196 -11.07 -1.47 30.36
N GLN B 197 -11.75 -0.91 29.37
CA GLN B 197 -13.13 -1.29 29.11
C GLN B 197 -13.49 -0.92 27.68
N ILE B 198 -14.65 -1.42 27.25
CA ILE B 198 -15.22 -1.15 25.93
C ILE B 198 -16.72 -1.41 26.02
N PHE B 199 -17.50 -0.53 25.40
CA PHE B 199 -18.96 -0.67 25.41
C PHE B 199 -19.41 -1.48 24.19
N VAL B 200 -20.29 -2.46 24.41
CA VAL B 200 -20.73 -3.36 23.36
C VAL B 200 -22.25 -3.37 23.32
N SER B 201 -22.79 -3.61 22.12
CA SER B 201 -24.23 -3.79 21.94
C SER B 201 -24.42 -4.68 20.72
N GLN B 202 -25.68 -5.04 20.47
CA GLN B 202 -25.97 -5.90 19.33
C GLN B 202 -27.45 -5.81 19.00
N PHE B 203 -27.76 -5.94 17.71
CA PHE B 203 -29.11 -5.81 17.22
C PHE B 203 -29.17 -6.42 15.84
N ALA B 204 -30.38 -6.51 15.30
CA ALA B 204 -30.59 -7.14 14.00
C ALA B 204 -31.52 -6.29 13.15
N PHE B 205 -31.45 -6.49 11.84
CA PHE B 205 -32.33 -5.83 10.89
C PHE B 205 -32.68 -6.81 9.79
N ARG B 206 -33.82 -6.58 9.14
CA ARG B 206 -34.30 -7.51 8.12
C ARG B 206 -33.43 -7.44 6.88
N ALA B 207 -33.06 -8.61 6.35
CA ALA B 207 -32.21 -8.65 5.17
C ALA B 207 -32.89 -8.00 3.96
N GLY B 208 -34.21 -8.03 3.92
CA GLY B 208 -34.93 -7.35 2.84
C GLY B 208 -34.54 -7.89 1.48
N ALA B 209 -34.14 -7.00 0.59
CA ALA B 209 -33.76 -7.37 -0.76
C ALA B 209 -32.33 -7.90 -0.86
N ILE B 210 -31.60 -8.01 0.26
CA ILE B 210 -30.23 -8.52 0.24
C ILE B 210 -30.25 -10.02 0.03
N PRO B 211 -29.61 -10.54 -1.03
CA PRO B 211 -29.52 -12.00 -1.19
C PRO B 211 -28.49 -12.60 -0.26
N LEU B 212 -28.93 -13.20 0.85
CA LEU B 212 -28.00 -13.72 1.85
C LEU B 212 -27.20 -14.92 1.36
N THR B 213 -27.59 -15.57 0.26
CA THR B 213 -26.80 -16.66 -0.29
C THR B 213 -25.64 -16.18 -1.16
N LEU B 214 -25.62 -14.89 -1.52
CA LEU B 214 -24.62 -14.33 -2.41
C LEU B 214 -23.61 -13.45 -1.72
N VAL B 215 -24.03 -12.68 -0.72
CA VAL B 215 -23.14 -11.76 -0.01
C VAL B 215 -22.41 -12.49 1.09
N ASP B 216 -21.18 -12.05 1.39
CA ASP B 216 -20.41 -12.68 2.44
C ASP B 216 -19.54 -11.70 3.23
N ALA B 217 -19.65 -10.39 2.99
CA ALA B 217 -18.79 -9.43 3.67
C ALA B 217 -19.52 -8.10 3.83
N LEU B 218 -19.08 -7.33 4.82
CA LEU B 218 -19.57 -5.98 5.05
C LEU B 218 -18.41 -5.00 5.07
N GLU B 219 -18.72 -3.74 4.80
CA GLU B 219 -17.74 -2.67 4.95
C GLU B 219 -18.45 -1.44 5.50
N GLN B 220 -17.99 -0.96 6.65
CA GLN B 220 -18.53 0.27 7.22
C GLN B 220 -17.98 1.47 6.45
N LEU B 221 -18.89 2.37 6.03
CA LEU B 221 -18.53 3.55 5.25
C LEU B 221 -18.76 4.87 5.97
N ALA B 222 -19.69 4.94 6.93
CA ALA B 222 -19.92 6.15 7.70
C ALA B 222 -20.63 5.80 8.99
N CYS B 223 -20.37 6.60 10.02
CA CYS B 223 -21.02 6.41 11.31
C CYS B 223 -21.23 7.78 11.97
N SER B 224 -22.39 7.95 12.60
CA SER B 224 -22.68 9.22 13.25
C SER B 224 -21.81 9.45 14.49
N ASP B 225 -21.15 8.43 14.99
CA ASP B 225 -20.28 8.59 16.14
C ASP B 225 -18.87 8.13 15.79
N PRO B 226 -17.85 8.94 16.08
CA PRO B 226 -16.49 8.62 15.60
C PRO B 226 -15.79 7.51 16.37
N ASN B 227 -16.38 6.98 17.44
CA ASN B 227 -15.75 5.91 18.22
C ASN B 227 -16.56 4.62 18.21
N THR B 228 -17.52 4.51 17.31
CA THR B 228 -18.41 3.36 17.21
C THR B 228 -18.15 2.63 15.89
N TYR B 229 -18.01 1.31 15.94
CA TYR B 229 -17.75 0.54 14.74
C TYR B 229 -18.40 -0.83 14.84
N ILE B 230 -18.64 -1.43 13.67
CA ILE B 230 -19.16 -2.81 13.61
C ILE B 230 -18.06 -3.78 13.98
N HIS B 231 -18.26 -4.52 15.06
CA HIS B 231 -17.24 -5.45 15.52
C HIS B 231 -17.32 -6.81 14.82
N LYS B 232 -18.52 -7.34 14.64
CA LYS B 232 -18.69 -8.57 13.89
C LYS B 232 -20.12 -8.63 13.41
N THR B 233 -20.41 -9.62 12.59
CA THR B 233 -21.73 -9.70 11.98
C THR B 233 -22.07 -11.16 11.71
N GLU B 234 -23.33 -11.50 11.90
CA GLU B 234 -23.85 -12.84 11.64
C GLU B 234 -25.10 -12.72 10.79
N THR B 235 -25.42 -13.79 10.11
CA THR B 235 -26.62 -13.83 9.28
C THR B 235 -27.41 -15.08 9.58
N ASP B 236 -28.73 -15.01 9.38
CA ASP B 236 -29.60 -16.18 9.46
C ASP B 236 -30.46 -16.21 8.20
N GLU B 237 -30.19 -17.17 7.30
CA GLU B 237 -30.93 -17.22 6.05
C GLU B 237 -32.39 -17.63 6.28
N ARG B 238 -32.64 -18.51 7.24
CA ARG B 238 -34.02 -18.94 7.45
C ARG B 238 -34.88 -17.81 7.98
N GLY B 239 -34.30 -16.90 8.79
CA GLY B 239 -35.04 -15.78 9.35
C GLY B 239 -34.95 -14.50 8.56
N GLN B 240 -34.02 -14.41 7.61
CA GLN B 240 -33.85 -13.24 6.76
C GLN B 240 -33.55 -11.99 7.59
N TRP B 241 -32.60 -12.12 8.51
CA TRP B 241 -32.11 -10.96 9.24
C TRP B 241 -30.58 -11.03 9.32
N ILE B 242 -29.98 -9.88 9.60
CA ILE B 242 -28.54 -9.74 9.79
C ILE B 242 -28.32 -9.13 11.17
N MET B 243 -27.51 -9.79 11.97
CA MET B 243 -27.19 -9.33 13.32
C MET B 243 -25.90 -8.54 13.29
N LEU B 244 -25.92 -7.33 13.87
CA LEU B 244 -24.72 -6.50 13.97
C LEU B 244 -24.28 -6.42 15.43
N PHE B 245 -22.96 -6.46 15.65
CA PHE B 245 -22.37 -6.32 16.98
C PHE B 245 -21.50 -5.07 16.97
N LEU B 246 -21.88 -4.04 17.75
CA LEU B 246 -21.15 -2.78 17.77
C LEU B 246 -20.21 -2.72 18.96
N HIS B 247 -19.11 -1.99 18.77
CA HIS B 247 -18.16 -1.67 19.83
C HIS B 247 -18.06 -0.16 19.90
N HIS B 248 -17.90 0.37 21.13
CA HIS B 248 -17.74 1.80 21.35
C HIS B 248 -16.58 2.04 22.29
N ASP B 249 -15.67 2.91 21.89
CA ASP B 249 -14.44 3.16 22.65
C ASP B 249 -14.44 4.60 23.17
N SER B 250 -15.32 4.86 24.13
CA SER B 250 -15.30 6.10 24.89
C SER B 250 -16.07 5.87 26.17
N PRO B 251 -15.99 6.81 27.13
CA PRO B 251 -16.74 6.60 28.38
C PRO B 251 -18.24 6.69 28.20
N HIS B 252 -18.74 7.43 27.21
CA HIS B 252 -20.17 7.67 27.04
C HIS B 252 -20.64 7.22 25.66
N PRO B 253 -21.21 6.02 25.54
CA PRO B 253 -21.74 5.58 24.25
C PRO B 253 -22.93 6.42 23.84
N PRO B 254 -23.14 6.59 22.54
CA PRO B 254 -24.26 7.44 22.08
C PRO B 254 -25.62 6.76 22.24
N THR B 255 -26.63 7.59 22.44
CA THR B 255 -28.00 7.09 22.61
C THR B 255 -28.51 6.46 21.33
N SER B 256 -28.28 7.10 20.20
CA SER B 256 -28.68 6.56 18.91
C SER B 256 -27.50 6.60 17.96
N VAL B 257 -27.51 5.69 16.99
CA VAL B 257 -26.42 5.54 16.03
C VAL B 257 -27.00 5.43 14.64
N PHE B 258 -26.47 6.22 13.72
CA PHE B 258 -26.66 6.02 12.28
C PHE B 258 -25.47 5.27 11.73
N LEU B 259 -25.73 4.27 10.90
CA LEU B 259 -24.68 3.49 10.25
C LEU B 259 -24.95 3.40 8.75
N HIS B 260 -23.89 3.61 7.97
CA HIS B 260 -23.90 3.44 6.52
C HIS B 260 -22.84 2.39 6.21
N PHE B 261 -23.26 1.25 5.65
CA PHE B 261 -22.31 0.21 5.30
C PHE B 261 -22.74 -0.47 4.01
N SER B 262 -21.82 -1.24 3.44
CA SER B 262 -22.08 -1.98 2.22
C SER B 262 -22.06 -3.48 2.50
N VAL B 263 -22.92 -4.20 1.80
CA VAL B 263 -22.97 -5.65 1.84
C VAL B 263 -22.64 -6.12 0.43
N TYR B 264 -21.62 -6.97 0.30
CA TYR B 264 -21.10 -7.32 -1.01
C TYR B 264 -20.58 -8.76 -1.00
N THR B 265 -20.09 -9.20 -2.16
CA THR B 265 -19.52 -10.54 -2.33
C THR B 265 -18.00 -10.41 -2.45
N HIS B 266 -17.29 -10.95 -1.48
CA HIS B 266 -15.83 -10.87 -1.46
C HIS B 266 -15.15 -12.18 -1.85
N ARG B 267 -15.66 -13.31 -1.35
CA ARG B 267 -15.10 -14.63 -1.64
C ARG B 267 -13.61 -14.67 -1.36
N ALA B 268 -13.18 -14.01 -0.28
CA ALA B 268 -11.80 -14.14 0.14
C ALA B 268 -11.59 -15.49 0.81
N GLU B 269 -10.39 -16.05 0.64
CA GLU B 269 -10.10 -17.33 1.29
C GLU B 269 -9.65 -17.19 2.73
N VAL B 270 -9.37 -15.97 3.18
CA VAL B 270 -8.97 -15.70 4.56
C VAL B 270 -9.97 -14.70 5.13
N VAL B 271 -10.54 -15.02 6.28
CA VAL B 271 -11.48 -14.14 6.96
C VAL B 271 -11.01 -13.91 8.39
N ALA B 272 -11.32 -12.72 8.91
CA ALA B 272 -11.07 -12.41 10.30
C ALA B 272 -12.29 -12.79 11.12
N ARG B 273 -12.05 -13.28 12.34
CA ARG B 273 -13.17 -13.59 13.23
C ARG B 273 -13.93 -12.33 13.60
N HIS B 274 -13.21 -11.25 13.86
CA HIS B 274 -13.77 -9.94 14.17
C HIS B 274 -13.11 -8.89 13.29
N ASN B 275 -13.74 -7.72 13.24
CA ASN B 275 -13.17 -6.56 12.57
C ASN B 275 -11.70 -6.40 12.99
N PRO B 276 -10.76 -6.38 12.05
CA PRO B 276 -9.36 -6.14 12.44
C PRO B 276 -9.16 -4.82 13.16
N TYR B 277 -9.99 -3.83 12.88
CA TYR B 277 -9.93 -2.57 13.62
C TYR B 277 -10.38 -2.80 15.06
N PRO B 278 -9.74 -2.16 16.05
CA PRO B 278 -8.63 -1.20 15.97
C PRO B 278 -7.24 -1.80 16.19
N HIS B 279 -7.12 -3.11 16.49
CA HIS B 279 -5.85 -3.67 16.90
C HIS B 279 -4.98 -4.14 15.73
N LEU B 280 -5.60 -4.43 14.58
CA LEU B 280 -4.90 -4.89 13.39
C LEU B 280 -5.10 -3.86 12.29
N ARG B 281 -4.02 -3.21 11.86
CA ARG B 281 -4.09 -2.22 10.79
C ARG B 281 -3.84 -2.89 9.44
N ARG B 282 -4.80 -2.75 8.53
CA ARG B 282 -4.70 -3.39 7.22
C ARG B 282 -3.49 -2.89 6.44
N LEU B 283 -2.81 -3.80 5.78
CA LEU B 283 -1.67 -3.44 4.95
C LEU B 283 -2.00 -3.67 3.48
N PRO B 284 -1.36 -2.94 2.56
CA PRO B 284 -1.67 -3.12 1.13
C PRO B 284 -1.30 -4.52 0.66
N ASP B 285 -2.25 -5.17 -0.03
CA ASP B 285 -2.03 -6.44 -0.70
C ASP B 285 -1.95 -7.64 0.24
N ASN B 286 -1.13 -7.57 1.29
CA ASN B 286 -0.93 -8.75 2.13
C ASN B 286 -0.69 -8.35 3.58
N GLY B 287 -1.52 -8.89 4.48
CA GLY B 287 -1.23 -8.85 5.90
C GLY B 287 -1.77 -7.64 6.65
N PHE B 288 -1.45 -7.66 7.95
CA PHE B 288 -1.87 -6.63 8.89
C PHE B 288 -0.71 -6.30 9.82
N GLN B 289 -0.74 -5.08 10.35
CA GLN B 289 0.19 -4.67 11.39
C GLN B 289 -0.52 -4.72 12.74
N LEU B 290 0.10 -5.39 13.71
CA LEU B 290 -0.48 -5.55 15.04
C LEU B 290 -0.08 -4.37 15.93
N LEU B 291 -1.06 -3.66 16.48
CA LEU B 291 -0.83 -2.49 17.30
C LEU B 291 -1.06 -2.83 18.78
N ILE B 292 -0.10 -2.45 19.62
CA ILE B 292 -0.13 -2.74 21.06
C ILE B 292 -1.45 -2.24 21.66
N PRO B 293 -2.26 -3.12 22.27
CA PRO B 293 -3.53 -2.66 22.86
C PRO B 293 -3.40 -2.00 24.22
N LYS B 294 -2.23 -2.04 24.87
CA LYS B 294 -2.09 -1.45 26.20
C LYS B 294 -0.62 -1.22 26.50
N SER B 295 -0.29 -0.01 26.98
CA SER B 295 1.09 0.32 27.30
C SER B 295 1.61 -0.57 28.42
N PHE B 296 2.88 -0.95 28.32
CA PHE B 296 3.52 -1.71 29.38
C PHE B 296 5.02 -1.44 29.35
N THR B 297 5.67 -1.76 30.47
CA THR B 297 7.10 -1.53 30.63
C THR B 297 7.74 -2.82 31.12
N LEU B 298 8.72 -3.32 30.37
CA LEU B 298 9.45 -4.51 30.75
C LEU B 298 10.66 -4.11 31.59
N THR B 299 10.77 -4.69 32.79
CA THR B 299 11.92 -4.52 33.67
C THR B 299 12.45 -5.89 34.07
N ARG B 300 13.56 -5.92 34.80
CA ARG B 300 14.13 -7.21 35.18
C ARG B 300 13.27 -7.93 36.20
N ILE B 301 12.41 -7.21 36.92
CA ILE B 301 11.48 -7.84 37.86
C ILE B 301 10.12 -8.11 37.22
N HIS B 302 9.81 -7.45 36.10
CA HIS B 302 8.65 -7.79 35.27
C HIS B 302 9.15 -8.00 33.86
N PRO B 303 9.88 -9.09 33.61
CA PRO B 303 10.57 -9.25 32.34
C PRO B 303 9.69 -9.73 31.18
N GLU B 304 8.42 -10.03 31.43
CA GLU B 304 7.57 -10.58 30.39
C GLU B 304 6.22 -9.91 30.40
N TYR B 305 5.61 -9.82 29.22
CA TYR B 305 4.24 -9.38 29.07
C TYR B 305 3.65 -10.11 27.89
N ILE B 306 2.41 -10.57 28.02
CA ILE B 306 1.74 -11.32 26.97
C ILE B 306 0.73 -10.40 26.31
N VAL B 307 0.95 -10.08 25.05
CA VAL B 307 0.01 -9.28 24.29
C VAL B 307 -1.01 -10.22 23.65
N GLN B 308 -2.29 -9.97 23.90
CA GLN B 308 -3.36 -10.79 23.39
C GLN B 308 -4.51 -9.92 22.90
N ILE B 309 -5.05 -10.27 21.73
CA ILE B 309 -6.23 -9.59 21.20
C ILE B 309 -7.29 -10.64 20.92
N GLN B 310 -8.56 -10.23 20.99
CA GLN B 310 -9.70 -11.10 20.71
C GLN B 310 -9.94 -11.14 19.20
N ASN B 311 -9.05 -11.83 18.50
CA ASN B 311 -9.20 -11.96 17.06
C ASN B 311 -8.37 -13.13 16.57
N ALA B 312 -8.79 -13.70 15.44
CA ALA B 312 -8.09 -14.82 14.84
C ALA B 312 -8.48 -14.90 13.39
N PHE B 313 -7.67 -15.61 12.61
CA PHE B 313 -7.93 -15.76 11.19
C PHE B 313 -8.35 -17.18 10.88
N GLU B 314 -9.22 -17.31 9.87
CA GLU B 314 -9.67 -18.60 9.38
C GLU B 314 -9.28 -18.67 7.91
N THR B 315 -8.50 -19.68 7.57
CA THR B 315 -8.06 -19.86 6.20
C THR B 315 -8.56 -21.16 5.60
N ASN B 316 -9.08 -22.09 6.41
CA ASN B 316 -9.46 -23.42 5.94
C ASN B 316 -8.29 -24.07 5.23
N GLN B 317 -7.10 -23.91 5.80
CA GLN B 317 -5.88 -24.53 5.32
C GLN B 317 -5.45 -24.04 3.95
N THR B 318 -6.00 -22.92 3.47
CA THR B 318 -5.53 -22.37 2.20
C THR B 318 -4.28 -21.51 2.36
N HIS B 319 -3.97 -21.03 3.56
CA HIS B 319 -2.84 -20.13 3.75
C HIS B 319 -2.20 -20.38 5.11
N ASP B 320 -0.91 -20.11 5.19
CA ASP B 320 -0.21 -20.03 6.47
C ASP B 320 -0.20 -18.59 6.96
N THR B 321 -0.29 -18.42 8.27
CA THR B 321 -0.35 -17.10 8.90
C THR B 321 0.88 -16.97 9.79
N ILE B 322 1.78 -16.05 9.43
CA ILE B 322 3.04 -15.88 10.15
C ILE B 322 3.06 -14.48 10.74
N PHE B 323 3.58 -14.35 11.96
CA PHE B 323 3.76 -13.05 12.61
C PHE B 323 5.24 -12.71 12.59
N PHE B 324 5.56 -11.57 12.00
CA PHE B 324 6.93 -11.08 11.93
C PHE B 324 7.06 -9.88 12.84
N PRO B 325 7.73 -10.00 13.98
CA PRO B 325 7.71 -8.91 14.96
C PRO B 325 8.62 -7.76 14.53
N GLU B 326 8.35 -6.60 15.12
CA GLU B 326 9.24 -5.46 14.99
C GLU B 326 10.64 -5.83 15.48
N ASN B 327 11.61 -4.98 15.16
CA ASN B 327 12.98 -5.15 15.62
C ASN B 327 13.22 -4.14 16.74
N ILE B 328 12.91 -4.55 17.97
CA ILE B 328 13.07 -3.70 19.15
C ILE B 328 14.31 -4.19 19.90
N PRO B 329 15.38 -3.40 19.99
CA PRO B 329 16.58 -3.87 20.66
C PRO B 329 16.34 -4.18 22.14
N GLY B 330 16.89 -5.30 22.60
CA GLY B 330 16.76 -5.72 23.97
C GLY B 330 15.46 -6.40 24.32
N VAL B 331 14.58 -6.62 23.37
CA VAL B 331 13.31 -7.31 23.60
C VAL B 331 13.22 -8.45 22.60
N SER B 332 12.62 -9.56 23.02
CA SER B 332 12.42 -10.73 22.17
C SER B 332 10.94 -10.99 22.07
N ILE B 333 10.39 -10.87 20.85
CA ILE B 333 8.97 -11.05 20.60
C ILE B 333 8.77 -12.39 19.89
N GLU B 334 7.72 -13.10 20.27
CA GLU B 334 7.45 -14.38 19.64
C GLU B 334 7.18 -14.16 18.15
N ALA B 335 7.71 -15.05 17.33
CA ALA B 335 7.59 -14.92 15.89
C ALA B 335 7.24 -16.25 15.27
N GLY B 336 6.42 -16.23 14.23
CA GLY B 336 6.17 -17.42 13.45
C GLY B 336 4.71 -17.74 13.27
N PRO B 337 4.43 -18.99 12.89
CA PRO B 337 3.06 -19.40 12.58
C PRO B 337 2.07 -19.04 13.70
N LEU B 338 0.91 -18.53 13.28
CA LEU B 338 -0.23 -18.32 14.17
C LEU B 338 -1.31 -19.31 13.77
N PRO B 339 -1.77 -20.16 14.69
CA PRO B 339 -2.79 -21.16 14.32
C PRO B 339 -4.16 -20.51 14.12
N ASP B 340 -4.90 -21.04 13.15
CA ASP B 340 -6.22 -20.53 12.86
C ASP B 340 -7.15 -20.70 14.07
N ARG B 341 -8.09 -19.77 14.20
CA ARG B 341 -9.21 -19.78 15.14
C ARG B 341 -8.80 -19.70 16.62
N VAL B 342 -7.53 -19.48 16.93
CA VAL B 342 -7.10 -19.26 18.31
C VAL B 342 -6.69 -17.80 18.45
N ARG B 343 -7.15 -17.17 19.54
CA ARG B 343 -6.85 -15.76 19.79
C ARG B 343 -5.37 -15.48 19.55
N ILE B 344 -5.09 -14.39 18.84
CA ILE B 344 -3.71 -14.03 18.52
C ILE B 344 -3.00 -13.63 19.81
N THR B 345 -1.96 -14.38 20.16
CA THR B 345 -1.27 -14.25 21.44
C THR B 345 0.23 -14.28 21.20
N LEU B 346 0.92 -13.26 21.69
CA LEU B 346 2.36 -13.16 21.47
C LEU B 346 3.04 -12.74 22.76
N ARG B 347 4.09 -13.46 23.11
CA ARG B 347 4.83 -13.22 24.33
C ARG B 347 5.99 -12.28 24.08
N VAL B 348 6.16 -11.30 24.96
CA VAL B 348 7.22 -10.29 24.86
C VAL B 348 8.11 -10.41 26.10
N THR B 349 9.38 -10.72 25.89
CA THR B 349 10.33 -11.00 26.97
C THR B 349 11.51 -10.04 26.88
N LEU B 350 11.94 -9.52 28.02
CA LEU B 350 13.08 -8.61 28.06
C LEU B 350 14.38 -9.40 27.97
N THR B 351 15.21 -9.03 27.00
CA THR B 351 16.49 -9.71 26.79
C THR B 351 17.69 -8.78 26.89
N GLY B 352 17.49 -7.49 27.16
CA GLY B 352 18.58 -6.56 27.34
C GLY B 352 18.86 -6.31 28.82
N ASP B 353 19.84 -5.45 29.05
CA ASP B 353 20.22 -5.06 30.41
C ASP B 353 19.47 -3.83 30.88
N GLN B 354 18.40 -3.44 30.20
CA GLN B 354 17.78 -2.15 30.47
C GLN B 354 16.29 -2.23 30.21
N ALA B 355 15.52 -1.45 30.96
CA ALA B 355 14.07 -1.43 30.83
C ALA B 355 13.65 -0.88 29.47
N VAL B 356 12.58 -1.46 28.92
CA VAL B 356 12.04 -1.10 27.61
C VAL B 356 10.56 -0.83 27.77
N HIS B 357 10.10 0.33 27.28
CA HIS B 357 8.70 0.68 27.32
C HIS B 357 8.06 0.47 25.95
N LEU B 358 6.81 0.02 25.95
CA LEU B 358 6.03 -0.14 24.72
C LEU B 358 4.72 0.62 24.89
N GLU B 359 4.43 1.50 23.93
CA GLU B 359 3.33 2.43 24.05
C GLU B 359 2.08 1.87 23.38
N HIS B 360 0.93 2.19 23.97
CA HIS B 360 -0.36 1.92 23.36
C HIS B 360 -0.41 2.39 21.91
N ARG B 361 -0.86 1.51 21.02
CA ARG B 361 -1.01 1.73 19.58
C ARG B 361 0.33 1.70 18.82
N GLN B 362 1.45 1.52 19.51
CA GLN B 362 2.72 1.27 18.83
C GLN B 362 2.70 -0.10 18.14
N PRO B 363 3.31 -0.22 16.97
CA PRO B 363 3.31 -1.53 16.28
C PRO B 363 4.18 -2.54 17.00
N LEU B 364 3.67 -3.75 17.13
CA LEU B 364 4.44 -4.87 17.65
C LEU B 364 5.02 -5.75 16.55
N GLY B 365 4.40 -5.76 15.38
CA GLY B 365 4.86 -6.61 14.29
C GLY B 365 3.83 -6.66 13.18
N ARG B 366 4.07 -7.57 12.23
CA ARG B 366 3.23 -7.68 11.05
C ARG B 366 2.79 -9.13 10.87
N ILE B 367 1.51 -9.32 10.62
CA ILE B 367 0.99 -10.63 10.23
C ILE B 367 0.95 -10.68 8.71
N HIS B 368 1.46 -11.77 8.14
CA HIS B 368 1.49 -11.94 6.70
C HIS B 368 1.12 -13.37 6.33
N PHE B 369 0.51 -13.51 5.14
CA PHE B 369 -0.06 -14.78 4.70
C PHE B 369 0.75 -15.38 3.56
N PHE B 370 0.77 -16.71 3.53
CA PHE B 370 1.51 -17.46 2.54
C PHE B 370 0.64 -18.58 2.00
N ARG B 371 0.71 -18.77 0.68
CA ARG B 371 -0.09 -19.78 0.01
C ARG B 371 0.19 -21.16 0.58
N ARG B 372 -0.78 -22.07 0.40
CA ARG B 372 -0.74 -23.40 0.99
C ARG B 372 0.58 -24.11 0.76
N GLY B 373 1.17 -23.95 -0.42
CA GLY B 373 2.36 -24.73 -0.72
C GLY B 373 3.68 -24.18 -0.22
N PHE B 374 3.76 -22.88 0.07
CA PHE B 374 5.06 -22.26 0.33
C PHE B 374 5.76 -22.90 1.53
N TRP B 375 5.11 -22.88 2.69
CA TRP B 375 5.67 -23.53 3.88
C TRP B 375 5.16 -24.96 4.00
N THR B 376 6.08 -25.89 4.21
CA THR B 376 5.75 -27.28 4.41
C THR B 376 6.25 -27.73 5.78
N LEU B 377 5.41 -28.46 6.51
CA LEU B 377 5.78 -28.95 7.83
C LEU B 377 6.97 -29.91 7.73
N THR B 378 7.94 -29.74 8.64
CA THR B 378 9.05 -30.67 8.71
C THR B 378 8.53 -32.05 9.07
N PRO B 379 8.85 -33.10 8.29
CA PRO B 379 8.22 -34.41 8.52
C PRO B 379 8.41 -34.99 9.92
N GLY B 380 9.37 -34.52 10.70
CA GLY B 380 9.56 -35.11 12.01
C GLY B 380 8.80 -34.50 13.16
N LYS B 381 8.16 -33.35 12.97
CA LYS B 381 7.51 -32.62 14.06
C LYS B 381 5.98 -32.65 13.96
N PRO B 382 5.30 -32.43 15.09
CA PRO B 382 3.82 -32.49 15.11
C PRO B 382 3.12 -31.41 14.29
N ASP B 383 3.48 -30.14 14.48
CA ASP B 383 2.84 -29.06 13.74
C ASP B 383 3.72 -27.81 13.80
N LYS B 384 3.21 -26.72 13.22
CA LYS B 384 3.93 -25.46 13.10
C LYS B 384 3.72 -24.59 14.33
N ILE B 385 4.81 -24.06 14.88
CA ILE B 385 4.77 -23.31 16.13
C ILE B 385 5.55 -22.02 15.99
N LYS B 386 5.32 -21.10 16.92
CA LYS B 386 6.09 -19.87 17.02
C LYS B 386 7.19 -20.02 18.06
N ARG B 387 8.14 -19.08 18.04
CA ARG B 387 9.28 -19.09 18.93
C ARG B 387 9.71 -17.67 19.21
N PRO B 388 10.34 -17.41 20.35
CA PRO B 388 10.91 -16.08 20.60
C PRO B 388 11.90 -15.69 19.51
N GLN B 389 12.04 -14.38 19.32
CA GLN B 389 12.99 -13.87 18.33
C GLN B 389 14.39 -14.40 18.60
N VAL B 390 14.79 -14.50 19.87
CA VAL B 390 16.13 -14.93 20.21
C VAL B 390 16.38 -16.41 19.89
N GLN B 391 15.33 -17.18 19.63
CA GLN B 391 15.48 -18.58 19.27
C GLN B 391 15.19 -18.84 17.78
N LEU B 392 15.22 -17.80 16.95
CA LEU B 392 15.01 -18.00 15.52
C LEU B 392 16.27 -18.55 14.87
N ARG B 393 16.12 -19.64 14.12
CA ARG B 393 17.23 -20.29 13.46
C ARG B 393 16.84 -20.67 12.04
N ALA B 394 17.82 -20.67 11.14
CA ALA B 394 17.62 -21.15 9.77
C ALA B 394 18.77 -22.07 9.40
N GLY B 395 18.44 -23.05 8.57
CA GLY B 395 19.43 -23.99 8.09
C GLY B 395 19.20 -24.31 6.62
N LEU B 396 20.24 -24.88 6.02
CA LEU B 396 20.22 -25.36 4.64
C LEU B 396 20.52 -26.86 4.69
N PHE B 397 19.48 -27.69 4.62
CA PHE B 397 19.61 -29.13 4.71
C PHE B 397 19.00 -29.79 3.46
N PRO B 398 19.53 -30.93 3.03
CA PRO B 398 19.05 -31.52 1.79
C PRO B 398 17.63 -32.08 1.92
N ARG B 399 17.00 -32.29 0.77
CA ARG B 399 15.66 -32.86 0.68
C ARG B 399 15.63 -34.29 1.11
N SER B 400 16.77 -34.78 1.60
CA SER B 400 16.87 -36.12 2.15
C SER B 400 16.45 -36.15 3.61
N ASN B 401 16.02 -35.00 4.14
CA ASN B 401 15.43 -34.91 5.46
C ASN B 401 13.92 -34.74 5.39
N VAL B 402 13.36 -34.86 4.19
CA VAL B 402 11.91 -35.05 4.03
C VAL B 402 11.50 -36.46 4.43
N MET B 403 12.47 -37.35 4.67
CA MET B 403 12.21 -38.66 5.26
C MET B 403 12.28 -38.61 6.79
N ARG B 404 13.38 -38.07 7.33
CA ARG B 404 13.52 -37.90 8.78
C ARG B 404 13.67 -36.42 9.15
N GLY B 484 18.16 -34.56 -1.80
CA GLY B 484 19.32 -34.18 -2.59
C GLY B 484 19.63 -32.69 -2.54
N ALA B 485 18.76 -31.89 -3.15
CA ALA B 485 18.97 -30.44 -3.19
C ALA B 485 18.73 -29.82 -1.82
N LEU B 486 19.36 -28.67 -1.59
CA LEU B 486 19.23 -27.99 -0.32
C LEU B 486 17.90 -27.25 -0.24
N THR B 487 17.32 -27.22 0.97
CA THR B 487 16.11 -26.48 1.25
C THR B 487 16.33 -25.60 2.48
N LEU B 488 15.62 -24.47 2.53
CA LEU B 488 15.66 -23.57 3.68
C LEU B 488 14.74 -24.12 4.75
N VAL B 489 15.30 -24.53 5.88
CA VAL B 489 14.52 -25.08 6.99
C VAL B 489 14.55 -24.09 8.14
N ILE B 490 13.37 -23.78 8.68
CA ILE B 490 13.26 -22.97 9.89
C ILE B 490 12.87 -23.90 11.03
N PRO B 491 13.84 -24.51 11.73
CA PRO B 491 13.47 -25.44 12.80
C PRO B 491 12.72 -24.78 13.94
N SER B 492 12.89 -23.47 14.15
CA SER B 492 12.13 -22.76 15.18
C SER B 492 10.62 -22.88 14.97
N TRP B 493 10.19 -23.08 13.72
CA TRP B 493 8.78 -23.15 13.38
C TRP B 493 8.33 -24.53 12.92
N HIS B 494 9.25 -25.46 12.68
CA HIS B 494 8.93 -26.79 12.16
C HIS B 494 8.38 -26.73 10.73
N VAL B 495 9.04 -25.93 9.88
CA VAL B 495 8.61 -25.73 8.50
C VAL B 495 9.85 -25.55 7.63
N PHE B 496 9.66 -25.73 6.32
CA PHE B 496 10.74 -25.56 5.35
C PHE B 496 10.13 -25.11 4.02
N ALA B 497 10.97 -24.49 3.20
CA ALA B 497 10.57 -23.98 1.89
C ALA B 497 11.65 -24.32 0.86
N SER B 498 11.24 -24.32 -0.41
CA SER B 498 12.17 -24.57 -1.50
C SER B 498 12.84 -23.26 -1.91
N LEU B 499 14.12 -23.34 -2.28
CA LEU B 499 14.84 -22.13 -2.66
C LEU B 499 14.24 -21.48 -3.90
N ASP B 500 13.57 -22.26 -4.75
CA ASP B 500 12.98 -21.71 -5.97
C ASP B 500 11.91 -20.68 -5.68
N ASP B 501 11.30 -20.72 -4.50
CA ASP B 501 10.18 -19.86 -4.15
C ASP B 501 10.59 -18.60 -3.39
N LEU B 502 11.87 -18.47 -3.03
CA LEU B 502 12.34 -17.27 -2.37
C LEU B 502 12.55 -16.15 -3.39
N VAL B 503 12.56 -14.92 -2.89
CA VAL B 503 12.75 -13.73 -3.73
C VAL B 503 14.24 -13.50 -3.90
N PRO B 504 14.73 -13.35 -5.14
CA PRO B 504 16.19 -13.22 -5.35
C PRO B 504 16.76 -11.99 -4.65
N LEU B 505 17.83 -12.22 -3.89
CA LEU B 505 18.52 -11.16 -3.15
C LEU B 505 19.62 -10.53 -4.00
N THR B 506 19.84 -9.24 -3.77
CA THR B 506 21.00 -8.54 -4.31
C THR B 506 21.81 -8.08 -3.10
N VAL B 507 22.92 -8.77 -2.85
CA VAL B 507 23.69 -8.58 -1.63
C VAL B 507 24.85 -7.65 -1.91
N SER B 508 25.20 -6.82 -0.93
CA SER B 508 26.35 -5.93 -1.04
C SER B 508 27.06 -5.86 0.30
N VAL B 509 28.18 -6.57 0.43
CA VAL B 509 29.03 -6.46 1.61
C VAL B 509 29.92 -5.23 1.44
N GLN B 510 29.86 -4.30 2.40
CA GLN B 510 30.61 -3.07 2.23
C GLN B 510 32.12 -3.32 2.29
N HIS B 511 32.86 -2.48 1.56
CA HIS B 511 34.30 -2.67 1.41
C HIS B 511 35.00 -2.72 2.77
N ALA B 512 34.53 -1.92 3.73
CA ALA B 512 35.18 -1.87 5.04
C ALA B 512 35.21 -3.23 5.72
N ALA B 513 34.13 -3.99 5.58
CA ALA B 513 34.05 -5.29 6.26
C ALA B 513 35.01 -6.32 5.69
N LEU B 514 35.64 -6.05 4.56
CA LEU B 514 36.49 -7.04 3.91
C LEU B 514 37.88 -7.05 4.52
N ARG B 515 38.43 -8.26 4.66
CA ARG B 515 39.81 -8.47 5.05
C ARG B 515 40.53 -9.31 4.00
N PRO B 516 41.86 -9.34 4.04
CA PRO B 516 42.61 -10.16 3.07
C PRO B 516 42.27 -11.64 3.11
N THR B 517 41.61 -12.12 4.17
CA THR B 517 41.21 -13.52 4.25
C THR B 517 39.78 -13.76 3.80
N SER B 518 39.02 -12.70 3.52
CA SER B 518 37.65 -12.85 3.06
C SER B 518 37.62 -13.58 1.72
N TYR B 519 36.63 -14.45 1.55
CA TYR B 519 36.43 -15.17 0.29
C TYR B 519 34.94 -15.42 0.12
N LEU B 520 34.59 -15.89 -1.08
CA LEU B 520 33.20 -16.19 -1.42
C LEU B 520 33.10 -17.64 -1.83
N ARG B 521 31.98 -18.28 -1.48
CA ARG B 521 31.75 -19.65 -1.89
C ARG B 521 30.40 -19.72 -2.59
N SER B 522 30.18 -20.79 -3.35
CA SER B 522 28.95 -20.94 -4.11
C SER B 522 28.46 -22.38 -4.07
N ASP B 523 27.14 -22.54 -3.94
CA ASP B 523 26.48 -23.84 -3.97
C ASP B 523 25.15 -23.68 -4.71
N MET B 524 24.61 -24.82 -5.12
CA MET B 524 23.30 -24.83 -5.78
C MET B 524 23.29 -23.93 -7.01
N ASP B 525 24.33 -24.06 -7.84
CA ASP B 525 24.46 -23.27 -9.07
C ASP B 525 24.29 -21.79 -8.78
N GLY B 526 24.88 -21.34 -7.68
CA GLY B 526 24.83 -19.94 -7.31
C GLY B 526 23.61 -19.50 -6.52
N ASP B 527 22.69 -20.42 -6.21
CA ASP B 527 21.53 -20.06 -5.41
C ASP B 527 21.89 -19.83 -3.96
N VAL B 528 22.93 -20.50 -3.46
CA VAL B 528 23.41 -20.31 -2.11
C VAL B 528 24.82 -19.73 -2.21
N ARG B 529 24.98 -18.48 -1.78
CA ARG B 529 26.27 -17.81 -1.76
C ARG B 529 26.68 -17.56 -0.31
N THR B 530 27.95 -17.80 -0.01
CA THR B 530 28.51 -17.60 1.31
C THR B 530 29.60 -16.54 1.28
N ALA B 531 29.53 -15.58 2.20
CA ALA B 531 30.59 -14.59 2.41
C ALA B 531 31.24 -14.88 3.76
N ALA B 532 32.50 -15.32 3.74
CA ALA B 532 33.19 -15.80 4.94
C ALA B 532 34.40 -14.93 5.26
N ASP B 533 34.76 -14.91 6.55
CA ASP B 533 35.90 -14.13 7.02
C ASP B 533 35.76 -12.65 6.69
N ILE B 534 34.55 -12.14 6.85
CA ILE B 534 34.30 -10.72 6.83
C ILE B 534 34.20 -10.24 8.27
N SER B 535 34.24 -8.92 8.47
CA SER B 535 34.32 -8.34 9.80
C SER B 535 33.06 -7.56 10.13
N SER B 536 32.62 -7.66 11.38
CA SER B 536 31.46 -6.94 11.88
C SER B 536 31.85 -6.10 13.09
N THR B 537 31.13 -4.99 13.28
CA THR B 537 31.41 -4.03 14.34
C THR B 537 30.37 -4.13 15.45
N LEU B 538 30.83 -4.04 16.69
CA LEU B 538 29.93 -3.96 17.82
C LEU B 538 29.49 -2.52 18.06
N ARG B 539 28.22 -2.35 18.43
CA ARG B 539 27.67 -1.03 18.74
C ARG B 539 26.83 -1.11 19.99
N SER B 540 26.77 0.01 20.71
CA SER B 540 25.97 0.08 21.92
C SER B 540 24.49 0.25 21.57
N VAL B 541 23.63 -0.27 22.45
CA VAL B 541 22.19 -0.15 22.24
C VAL B 541 21.77 1.29 22.50
N PRO B 542 20.97 1.90 21.62
CA PRO B 542 20.59 3.30 21.81
C PRO B 542 19.78 3.52 23.08
N ALA B 543 19.58 4.80 23.43
CA ALA B 543 18.87 5.24 24.62
C ALA B 543 17.37 4.94 24.59
N PRO B 544 16.67 5.19 23.47
CA PRO B 544 15.22 4.93 23.43
C PRO B 544 14.83 3.56 23.97
#